data_5HSV
#
_entry.id   5HSV
#
_cell.length_a   37.904
_cell.length_b   68.443
_cell.length_c   71.952
_cell.angle_alpha   115.120
_cell.angle_beta   103.170
_cell.angle_gamma   93.960
#
_symmetry.space_group_name_H-M   'P 1'
#
loop_
_entity.id
_entity.type
_entity.pdbx_description
1 polymer 'Peptidyl-prolyl cis-trans isomerase A'
2 polymer Alisporivir
3 non-polymer 'CHLORIDE ION'
4 water water
#
loop_
_entity_poly.entity_id
_entity_poly.type
_entity_poly.pdbx_seq_one_letter_code
_entity_poly.pdbx_strand_id
1 'polypeptide(L)'
;GSHMVNPTVFFDIAVDGEPLGRVSFELFADKVPKTAENFRALSTGEKGFGYKGSCFHRIIPGFMCQGGDFTRHNGTGGKS
IYGEKFEDENFILKHTGPGILSMANAGPNTNGSQFFICTAKTEWLDGKHVVFGKVKEGMNIVEAMERFGSRNGKTSKKIT
IADCGQLE
;
A,B,C,D
2 'polypeptide(L)' (BMT)(ABA)(DAM)(66E)V(MLE)A(DAL)(MLE)(MLE)(MVA) E,F,G,H
#
# COMPACT_ATOMS: atom_id res chain seq x y z
N VAL A 5 3.04 -31.95 -27.28
CA VAL A 5 4.19 -32.88 -27.53
C VAL A 5 5.55 -32.40 -26.92
N ASN A 6 5.87 -31.10 -26.99
CA ASN A 6 6.86 -30.45 -26.10
C ASN A 6 6.27 -30.04 -24.75
N PRO A 7 7.08 -29.97 -23.68
CA PRO A 7 6.54 -29.48 -22.41
C PRO A 7 6.18 -28.02 -22.39
N THR A 8 5.28 -27.67 -21.49
CA THR A 8 4.85 -26.30 -21.27
C THR A 8 5.05 -25.92 -19.83
N VAL A 9 5.65 -24.76 -19.58
CA VAL A 9 5.74 -24.31 -18.18
C VAL A 9 5.12 -22.92 -18.08
N PHE A 10 4.78 -22.51 -16.88
CA PHE A 10 4.20 -21.21 -16.65
C PHE A 10 4.94 -20.45 -15.56
N PHE A 11 4.91 -19.13 -15.68
CA PHE A 11 5.26 -18.21 -14.63
C PHE A 11 4.01 -17.36 -14.30
N ASP A 12 3.71 -17.19 -13.03
CA ASP A 12 2.75 -16.18 -12.60
C ASP A 12 3.53 -14.99 -12.13
N ILE A 13 3.44 -13.89 -12.87
CA ILE A 13 4.23 -12.69 -12.62
C ILE A 13 3.51 -11.76 -11.66
N ALA A 14 4.25 -11.13 -10.75
CA ALA A 14 3.75 -10.08 -9.88
C ALA A 14 4.63 -8.82 -9.99
N VAL A 15 4.01 -7.67 -9.68
CA VAL A 15 4.67 -6.36 -9.72
C VAL A 15 4.50 -5.74 -8.36
N ASP A 16 5.60 -5.55 -7.63
CA ASP A 16 5.54 -5.11 -6.23
C ASP A 16 4.50 -5.92 -5.42
N GLY A 17 4.50 -7.23 -5.67
CA GLY A 17 3.66 -8.15 -4.93
C GLY A 17 2.25 -8.34 -5.48
N GLU A 18 1.81 -7.48 -6.40
CA GLU A 18 0.48 -7.58 -7.01
C GLU A 18 0.51 -8.46 -8.25
N PRO A 19 -0.30 -9.50 -8.31
CA PRO A 19 -0.32 -10.32 -9.55
C PRO A 19 -0.66 -9.54 -10.86
N LEU A 20 0.07 -9.85 -11.90
CA LEU A 20 0.01 -9.18 -13.23
C LEU A 20 -0.68 -10.18 -14.17
N GLY A 21 -0.18 -11.42 -14.20
CA GLY A 21 -0.82 -12.46 -14.97
C GLY A 21 0.19 -13.59 -15.26
N ARG A 22 -0.29 -14.58 -15.98
CA ARG A 22 0.47 -15.75 -16.30
C ARG A 22 1.10 -15.67 -17.67
N VAL A 23 2.34 -16.14 -17.75
CA VAL A 23 3.07 -16.29 -19.03
C VAL A 23 3.34 -17.79 -19.15
N SER A 24 3.00 -18.41 -20.28
CA SER A 24 3.33 -19.80 -20.47
C SER A 24 4.31 -19.94 -21.59
N PHE A 25 5.15 -20.95 -21.49
CA PHE A 25 6.18 -21.18 -22.50
C PHE A 25 6.15 -22.58 -23.05
N GLU A 26 6.36 -22.72 -24.34
CA GLU A 26 6.69 -23.99 -24.93
C GLU A 26 8.20 -24.18 -24.92
N LEU A 27 8.66 -25.34 -24.43
CA LEU A 27 10.11 -25.64 -24.40
C LEU A 27 10.41 -26.64 -25.49
N PHE A 28 11.42 -26.32 -26.28
CA PHE A 28 11.75 -27.11 -27.47
C PHE A 28 12.64 -28.30 -27.11
N ALA A 29 12.07 -29.20 -26.38
CA ALA A 29 12.77 -30.38 -25.89
C ALA A 29 13.16 -31.32 -27.02
N ASP A 30 12.42 -31.26 -28.12
CA ASP A 30 12.75 -32.01 -29.33
C ASP A 30 14.08 -31.60 -29.96
N LYS A 31 14.49 -30.35 -29.75
CA LYS A 31 15.76 -29.81 -30.31
C LYS A 31 16.87 -29.57 -29.31
N VAL A 32 16.52 -29.16 -28.08
CA VAL A 32 17.53 -28.84 -27.03
C VAL A 32 17.10 -29.49 -25.72
N PRO A 33 17.12 -30.83 -25.68
CA PRO A 33 16.53 -31.49 -24.53
C PRO A 33 17.20 -31.16 -23.20
N LYS A 34 18.53 -31.04 -23.16
CA LYS A 34 19.23 -30.77 -21.88
C LYS A 34 18.92 -29.38 -21.34
N THR A 35 18.88 -28.40 -22.24
CA THR A 35 18.58 -27.04 -21.88
C THR A 35 17.11 -26.85 -21.51
N ALA A 36 16.24 -27.45 -22.28
CA ALA A 36 14.79 -27.45 -21.88
C ALA A 36 14.56 -28.09 -20.52
N GLU A 37 15.24 -29.23 -20.26
CA GLU A 37 15.04 -29.96 -19.00
C GLU A 37 15.51 -29.12 -17.80
N ASN A 38 16.59 -28.40 -17.96
CA ASN A 38 17.02 -27.49 -16.92
C ASN A 38 15.96 -26.47 -16.54
N PHE A 39 15.43 -25.75 -17.52
CA PHE A 39 14.45 -24.72 -17.27
C PHE A 39 13.16 -25.32 -16.71
N ARG A 40 12.74 -26.45 -17.28
CA ARG A 40 11.53 -27.12 -16.78
C ARG A 40 11.68 -27.47 -15.30
N ALA A 41 12.79 -28.13 -14.92
CA ALA A 41 12.97 -28.51 -13.51
C ALA A 41 13.13 -27.31 -12.60
N LEU A 42 13.78 -26.24 -13.05
CA LEU A 42 13.91 -25.03 -12.23
C LEU A 42 12.54 -24.39 -12.03
N SER A 43 11.65 -24.59 -12.98
CA SER A 43 10.27 -24.02 -12.89
C SER A 43 9.38 -24.85 -12.00
N THR A 44 9.63 -26.15 -11.88
CA THR A 44 8.78 -26.96 -11.00
C THR A 44 9.32 -26.96 -9.57
N GLY A 45 10.58 -26.61 -9.42
CA GLY A 45 11.21 -26.65 -8.10
C GLY A 45 11.63 -28.04 -7.65
N GLU A 46 11.59 -29.03 -8.56
CA GLU A 46 11.77 -30.41 -8.15
C GLU A 46 13.15 -30.78 -7.63
N LYS A 47 14.19 -29.93 -7.87
CA LYS A 47 15.48 -30.20 -7.26
C LYS A 47 15.65 -29.52 -5.92
N GLY A 48 14.61 -28.86 -5.44
CA GLY A 48 14.61 -28.22 -4.10
C GLY A 48 15.04 -26.75 -4.15
N PHE A 49 15.09 -26.22 -5.38
CA PHE A 49 15.45 -24.83 -5.65
C PHE A 49 14.90 -24.49 -7.01
N GLY A 50 14.88 -23.21 -7.34
CA GLY A 50 14.47 -22.79 -8.68
C GLY A 50 13.93 -21.38 -8.74
N TYR A 51 13.11 -21.16 -9.73
CA TYR A 51 12.69 -19.84 -10.05
C TYR A 51 11.62 -19.20 -9.12
N LYS A 52 10.85 -20.00 -8.39
CA LYS A 52 9.79 -19.43 -7.60
C LYS A 52 10.29 -18.42 -6.63
N GLY A 53 9.70 -17.20 -6.69
CA GLY A 53 10.11 -16.10 -5.79
C GLY A 53 11.24 -15.23 -6.29
N SER A 54 11.84 -15.63 -7.40
CA SER A 54 12.98 -14.85 -7.99
C SER A 54 12.45 -13.64 -8.79
N CYS A 55 13.33 -12.73 -9.14
N CYS A 55 13.33 -12.72 -9.13
CA CYS A 55 12.95 -11.52 -9.84
CA CYS A 55 12.94 -11.51 -9.86
C CYS A 55 13.59 -11.43 -11.25
C CYS A 55 13.58 -11.44 -11.26
N PHE A 56 12.99 -10.59 -12.08
CA PHE A 56 13.60 -10.15 -13.33
C PHE A 56 14.46 -8.92 -12.97
N HIS A 57 15.77 -9.07 -13.02
CA HIS A 57 16.67 -8.05 -12.54
C HIS A 57 17.09 -7.07 -13.59
N ARG A 58 16.85 -7.36 -14.86
CA ARG A 58 17.37 -6.50 -15.95
C ARG A 58 16.32 -6.53 -17.05
N ILE A 59 15.61 -5.42 -17.23
CA ILE A 59 14.57 -5.35 -18.23
C ILE A 59 14.85 -4.10 -19.07
N ILE A 60 15.09 -4.32 -20.36
CA ILE A 60 15.50 -3.27 -21.30
C ILE A 60 14.41 -3.21 -22.35
N PRO A 61 13.57 -2.16 -22.29
CA PRO A 61 12.48 -2.05 -23.30
C PRO A 61 12.94 -2.04 -24.76
N GLY A 62 12.23 -2.82 -25.58
CA GLY A 62 12.59 -3.00 -26.93
C GLY A 62 13.66 -4.03 -27.19
N PHE A 63 14.14 -4.70 -26.13
CA PHE A 63 15.19 -5.69 -26.25
C PHE A 63 14.72 -7.00 -25.58
N MET A 64 14.78 -7.05 -24.25
CA MET A 64 14.46 -8.31 -23.55
C MET A 64 14.27 -8.08 -22.06
N CYS A 65 13.71 -9.13 -21.41
CA CYS A 65 13.56 -9.20 -19.96
C CYS A 65 14.40 -10.35 -19.48
N GLN A 66 15.35 -10.11 -18.55
CA GLN A 66 16.28 -11.08 -18.12
C GLN A 66 15.99 -11.42 -16.63
N GLY A 67 15.99 -12.71 -16.36
CA GLY A 67 15.71 -13.23 -15.03
C GLY A 67 16.47 -14.50 -14.75
N GLY A 68 16.08 -15.17 -13.65
CA GLY A 68 16.58 -16.49 -13.32
C GLY A 68 17.71 -16.55 -12.34
N ASP A 69 18.17 -15.39 -11.81
CA ASP A 69 19.22 -15.41 -10.81
C ASP A 69 18.58 -15.56 -9.47
N PHE A 70 18.23 -16.79 -9.11
CA PHE A 70 17.55 -17.08 -7.90
C PHE A 70 18.48 -17.28 -6.69
N THR A 71 19.81 -17.19 -6.91
CA THR A 71 20.75 -17.27 -5.80
C THR A 71 21.27 -15.92 -5.34
N ARG A 72 21.50 -14.99 -6.26
CA ARG A 72 22.06 -13.64 -5.91
C ARG A 72 21.21 -12.44 -6.40
N HIS A 73 20.18 -12.69 -7.22
CA HIS A 73 19.12 -11.69 -7.59
C HIS A 73 19.66 -10.45 -8.31
N ASN A 74 20.84 -10.57 -8.91
CA ASN A 74 21.43 -9.44 -9.56
C ASN A 74 22.19 -9.68 -10.82
N GLY A 75 22.15 -10.89 -11.36
CA GLY A 75 23.01 -11.28 -12.49
C GLY A 75 24.23 -12.00 -12.18
N THR A 76 24.66 -11.99 -10.91
CA THR A 76 25.92 -12.58 -10.66
C THR A 76 25.78 -14.06 -10.31
N GLY A 77 24.54 -14.51 -10.09
CA GLY A 77 24.34 -15.85 -9.53
C GLY A 77 23.53 -16.70 -10.45
N GLY A 78 22.88 -17.68 -9.87
CA GLY A 78 22.20 -18.68 -10.68
C GLY A 78 22.97 -20.02 -10.71
N LYS A 79 22.22 -21.09 -10.85
CA LYS A 79 22.84 -22.40 -10.96
C LYS A 79 21.92 -23.30 -11.73
N SER A 80 22.51 -24.20 -12.51
CA SER A 80 21.72 -25.17 -13.27
C SER A 80 21.38 -26.40 -12.38
N ILE A 81 20.59 -27.30 -12.94
CA ILE A 81 20.28 -28.54 -12.27
C ILE A 81 21.42 -29.56 -12.44
N TYR A 82 22.44 -29.23 -13.23
CA TYR A 82 23.56 -30.15 -13.57
C TYR A 82 24.82 -29.82 -12.84
N GLY A 83 24.80 -28.77 -12.02
CA GLY A 83 26.02 -28.06 -11.60
C GLY A 83 25.98 -26.58 -11.85
N GLU A 84 27.01 -25.89 -11.40
CA GLU A 84 27.06 -24.43 -11.56
C GLU A 84 26.86 -24.10 -13.05
N LYS A 85 27.67 -24.66 -13.96
CA LYS A 85 27.41 -24.45 -15.40
C LYS A 85 27.36 -25.65 -16.36
N PHE A 86 26.69 -25.49 -17.48
CA PHE A 86 26.67 -26.51 -18.53
C PHE A 86 26.93 -25.94 -19.91
N GLU A 87 27.26 -26.84 -20.80
CA GLU A 87 27.66 -26.45 -22.14
C GLU A 87 26.54 -25.90 -22.97
N ASP A 88 26.89 -25.15 -23.98
CA ASP A 88 25.97 -24.81 -25.04
C ASP A 88 25.60 -26.05 -25.80
N GLU A 89 24.36 -26.44 -25.72
CA GLU A 89 23.93 -27.71 -26.29
C GLU A 89 24.06 -27.73 -27.82
N ASN A 90 23.47 -26.72 -28.43
CA ASN A 90 23.56 -26.46 -29.84
C ASN A 90 23.00 -25.07 -30.11
N PHE A 91 23.12 -24.60 -31.32
CA PHE A 91 22.55 -23.32 -31.75
C PHE A 91 21.62 -23.45 -32.94
N ILE A 92 20.86 -24.53 -32.93
CA ILE A 92 19.92 -24.80 -34.00
C ILE A 92 18.86 -23.72 -34.13
N LEU A 93 18.22 -23.36 -33.01
CA LEU A 93 17.17 -22.35 -33.03
C LEU A 93 17.72 -20.94 -32.94
N LYS A 94 17.04 -20.03 -33.62
CA LYS A 94 17.51 -18.67 -33.73
C LYS A 94 16.58 -17.68 -33.00
N HIS A 95 17.09 -16.46 -32.78
CA HIS A 95 16.37 -15.38 -32.12
C HIS A 95 15.55 -14.63 -33.14
N THR A 96 14.41 -15.19 -33.47
CA THR A 96 13.63 -14.79 -34.63
C THR A 96 12.57 -13.70 -34.33
N GLY A 97 12.32 -13.39 -33.07
CA GLY A 97 11.36 -12.37 -32.74
C GLY A 97 10.91 -12.29 -31.31
N PRO A 98 9.91 -11.46 -31.02
CA PRO A 98 9.36 -11.38 -29.68
C PRO A 98 8.87 -12.73 -29.18
N GLY A 99 9.12 -12.98 -27.90
CA GLY A 99 8.68 -14.21 -27.25
C GLY A 99 9.66 -15.32 -27.19
N ILE A 100 10.80 -15.20 -27.87
CA ILE A 100 11.85 -16.23 -27.79
C ILE A 100 12.42 -16.27 -26.41
N LEU A 101 12.61 -17.49 -25.87
CA LEU A 101 13.24 -17.77 -24.61
C LEU A 101 14.61 -18.36 -24.89
N SER A 102 15.62 -17.74 -24.31
CA SER A 102 17.03 -18.10 -24.59
C SER A 102 17.87 -17.97 -23.34
N MET A 103 19.01 -18.64 -23.32
CA MET A 103 19.87 -18.61 -22.16
C MET A 103 20.73 -17.38 -22.12
N ALA A 104 20.80 -16.74 -20.96
CA ALA A 104 21.85 -15.76 -20.68
C ALA A 104 23.13 -16.53 -20.37
N ASN A 105 24.31 -15.89 -20.51
CA ASN A 105 25.50 -16.62 -20.14
C ASN A 105 26.62 -15.66 -19.81
N ALA A 106 27.80 -16.23 -19.51
CA ALA A 106 29.01 -15.44 -19.32
C ALA A 106 30.07 -15.88 -20.33
N GLY A 107 29.67 -16.06 -21.57
CA GLY A 107 30.55 -16.57 -22.59
C GLY A 107 30.25 -18.00 -22.92
N PRO A 108 31.01 -18.58 -23.81
CA PRO A 108 30.70 -19.93 -24.23
C PRO A 108 30.68 -20.96 -23.10
N ASN A 109 29.70 -21.85 -23.16
CA ASN A 109 29.57 -22.96 -22.22
C ASN A 109 29.50 -22.62 -20.73
N THR A 110 28.66 -21.64 -20.45
CA THR A 110 28.50 -21.14 -19.12
C THR A 110 27.03 -21.00 -18.76
N ASN A 111 26.20 -21.89 -19.27
CA ASN A 111 24.78 -21.81 -18.96
C ASN A 111 24.55 -22.21 -17.50
N GLY A 112 23.70 -21.43 -16.85
CA GLY A 112 23.30 -21.76 -15.47
C GLY A 112 21.78 -21.82 -15.38
N SER A 113 21.22 -20.78 -14.79
CA SER A 113 19.78 -20.66 -14.69
C SER A 113 19.23 -19.39 -15.31
N GLN A 114 20.07 -18.41 -15.60
CA GLN A 114 19.55 -17.14 -16.09
C GLN A 114 19.16 -17.27 -17.57
N PHE A 115 18.06 -16.57 -17.88
CA PHE A 115 17.41 -16.67 -19.17
C PHE A 115 16.94 -15.27 -19.53
N PHE A 116 16.51 -15.16 -20.76
CA PHE A 116 15.85 -13.93 -21.24
C PHE A 116 14.67 -14.25 -22.13
N ILE A 117 13.70 -13.33 -22.10
CA ILE A 117 12.54 -13.39 -22.99
C ILE A 117 12.70 -12.18 -23.90
N CYS A 118 12.82 -12.44 -25.19
CA CYS A 118 13.01 -11.35 -26.18
C CYS A 118 11.71 -10.59 -26.35
N THR A 119 11.80 -9.27 -26.52
CA THR A 119 10.66 -8.47 -26.93
C THR A 119 10.88 -7.86 -28.31
N ALA A 120 11.89 -8.38 -29.03
CA ALA A 120 12.21 -8.00 -30.40
C ALA A 120 12.99 -9.15 -31.04
N LYS A 121 13.27 -9.10 -32.34
CA LYS A 121 14.24 -10.04 -32.94
C LYS A 121 15.63 -9.61 -32.45
N THR A 122 16.43 -10.56 -32.01
CA THR A 122 17.75 -10.27 -31.46
C THR A 122 18.73 -11.20 -32.17
N GLU A 123 18.78 -11.08 -33.52
CA GLU A 123 19.58 -12.02 -34.33
C GLU A 123 21.08 -12.02 -34.05
N TRP A 124 21.62 -10.91 -33.52
CA TRP A 124 23.07 -10.82 -33.22
C TRP A 124 23.46 -11.76 -32.07
N LEU A 125 22.47 -12.30 -31.37
CA LEU A 125 22.72 -13.30 -30.32
C LEU A 125 22.75 -14.73 -30.84
N ASP A 126 22.35 -14.96 -32.09
CA ASP A 126 22.44 -16.28 -32.74
C ASP A 126 23.87 -16.84 -32.72
N GLY A 127 23.96 -18.09 -32.29
CA GLY A 127 25.26 -18.77 -32.23
C GLY A 127 26.02 -18.46 -30.95
N LYS A 128 25.45 -17.60 -30.07
CA LYS A 128 26.09 -17.22 -28.81
C LYS A 128 25.22 -17.52 -27.60
N HIS A 129 23.90 -17.57 -27.80
CA HIS A 129 22.91 -17.89 -26.75
C HIS A 129 22.01 -18.99 -27.25
N VAL A 130 21.81 -19.99 -26.44
CA VAL A 130 21.03 -21.13 -26.80
C VAL A 130 19.56 -20.82 -26.64
N VAL A 131 18.85 -20.84 -27.75
CA VAL A 131 17.39 -20.65 -27.76
C VAL A 131 16.75 -22.01 -27.46
N PHE A 132 15.80 -22.02 -26.54
CA PHE A 132 15.19 -23.26 -26.09
C PHE A 132 13.69 -23.23 -25.86
N GLY A 133 13.02 -22.12 -26.14
CA GLY A 133 11.60 -22.05 -26.00
C GLY A 133 11.01 -20.80 -26.55
N LYS A 134 9.71 -20.68 -26.35
CA LYS A 134 9.00 -19.46 -26.78
C LYS A 134 7.76 -19.28 -25.95
N VAL A 135 7.41 -18.02 -25.72
CA VAL A 135 6.17 -17.69 -25.10
C VAL A 135 5.01 -18.27 -25.96
N LYS A 136 4.09 -18.96 -25.26
CA LYS A 136 2.89 -19.60 -25.88
C LYS A 136 1.68 -18.73 -25.61
N GLU A 137 1.50 -18.30 -24.36
CA GLU A 137 0.40 -17.46 -23.96
C GLU A 137 0.89 -16.42 -23.01
N GLY A 138 0.25 -15.26 -22.99
CA GLY A 138 0.68 -14.19 -22.10
C GLY A 138 1.76 -13.26 -22.60
N MET A 139 1.97 -13.15 -23.91
CA MET A 139 2.87 -12.11 -24.41
C MET A 139 2.46 -10.68 -23.96
N ASN A 140 1.17 -10.45 -23.80
CA ASN A 140 0.74 -9.18 -23.23
C ASN A 140 1.29 -8.89 -21.84
N ILE A 141 1.49 -9.92 -21.05
CA ILE A 141 2.11 -9.81 -19.74
C ILE A 141 3.56 -9.43 -19.87
N VAL A 142 4.27 -10.06 -20.78
CA VAL A 142 5.65 -9.68 -21.04
C VAL A 142 5.77 -8.22 -21.50
N GLU A 143 4.87 -7.78 -22.37
CA GLU A 143 4.87 -6.39 -22.80
C GLU A 143 4.60 -5.43 -21.64
N ALA A 144 3.73 -5.83 -20.71
CA ALA A 144 3.49 -5.10 -19.48
C ALA A 144 4.73 -5.01 -18.60
N MET A 145 5.50 -6.08 -18.53
CA MET A 145 6.75 -6.12 -17.75
C MET A 145 7.75 -5.11 -18.27
N GLU A 146 7.87 -5.05 -19.60
CA GLU A 146 8.76 -4.08 -20.26
C GLU A 146 8.58 -2.66 -19.78
N ARG A 147 7.36 -2.30 -19.45
CA ARG A 147 7.05 -0.96 -18.97
C ARG A 147 7.80 -0.57 -17.70
N PHE A 148 8.27 -1.56 -16.96
CA PHE A 148 8.98 -1.30 -15.73
C PHE A 148 10.50 -1.31 -15.87
N GLY A 149 11.01 -1.39 -17.09
CA GLY A 149 12.45 -1.41 -17.33
C GLY A 149 13.00 -0.05 -17.69
N SER A 150 14.25 -0.04 -18.09
CA SER A 150 14.92 1.20 -18.43
C SER A 150 16.09 0.87 -19.33
N ARG A 151 16.73 1.92 -19.88
CA ARG A 151 17.78 1.64 -20.86
C ARG A 151 18.93 0.86 -20.28
N ASN A 152 19.30 1.14 -19.03
CA ASN A 152 20.38 0.35 -18.38
C ASN A 152 19.87 -0.92 -17.72
N GLY A 153 18.57 -1.17 -17.77
CA GLY A 153 18.02 -2.42 -17.33
C GLY A 153 17.43 -2.36 -15.95
N LYS A 154 17.73 -1.35 -15.15
CA LYS A 154 17.23 -1.31 -13.76
C LYS A 154 15.73 -1.21 -13.85
N THR A 155 15.02 -1.93 -12.97
CA THR A 155 13.54 -1.96 -12.99
C THR A 155 12.99 -0.91 -12.03
N SER A 156 11.86 -0.32 -12.36
CA SER A 156 11.23 0.74 -11.51
C SER A 156 10.33 0.18 -10.42
N LYS A 157 9.96 -1.09 -10.56
CA LYS A 157 9.21 -1.85 -9.54
C LYS A 157 9.79 -3.26 -9.54
N LYS A 158 9.52 -4.02 -8.48
CA LYS A 158 10.06 -5.36 -8.30
C LYS A 158 9.18 -6.35 -9.09
N ILE A 159 9.73 -6.97 -10.11
CA ILE A 159 9.01 -7.88 -10.97
C ILE A 159 9.37 -9.30 -10.60
N THR A 160 8.47 -10.07 -10.08
CA THR A 160 8.75 -11.37 -9.49
C THR A 160 8.03 -12.47 -10.19
N ILE A 161 8.63 -13.67 -10.10
CA ILE A 161 7.96 -14.93 -10.47
C ILE A 161 7.27 -15.41 -9.18
N ALA A 162 6.01 -15.02 -8.96
CA ALA A 162 5.36 -15.35 -7.72
C ALA A 162 5.09 -16.86 -7.61
N ASP A 163 4.79 -17.50 -8.74
CA ASP A 163 4.65 -18.94 -8.79
C ASP A 163 5.01 -19.43 -10.18
N CYS A 164 5.38 -20.68 -10.27
CA CYS A 164 5.74 -21.27 -11.53
C CYS A 164 5.63 -22.77 -11.46
N GLY A 165 5.52 -23.38 -12.62
CA GLY A 165 5.37 -24.81 -12.65
C GLY A 165 5.15 -25.35 -14.04
N GLN A 166 4.72 -26.61 -14.11
CA GLN A 166 4.49 -27.25 -15.38
C GLN A 166 3.02 -27.41 -15.66
N LEU A 167 2.59 -27.08 -16.90
CA LEU A 167 1.17 -27.34 -17.31
C LEU A 167 1.02 -28.69 -18.00
N GLU A 168 1.75 -28.86 -19.09
CA GLU A 168 1.64 -30.04 -19.97
C GLU A 168 3.07 -30.53 -20.36
N VAL B 5 3.11 -16.55 6.36
CA VAL B 5 4.28 -17.49 6.44
C VAL B 5 5.55 -16.89 7.07
N ASN B 6 5.91 -15.66 6.74
CA ASN B 6 6.95 -14.94 7.51
C ASN B 6 6.35 -14.50 8.84
N PRO B 7 7.19 -14.41 9.92
CA PRO B 7 6.65 -13.98 11.19
C PRO B 7 6.26 -12.54 11.20
N THR B 8 5.37 -12.22 12.12
CA THR B 8 4.86 -10.87 12.33
C THR B 8 5.07 -10.50 13.79
N VAL B 9 5.62 -9.30 14.04
CA VAL B 9 5.72 -8.82 15.41
C VAL B 9 5.04 -7.46 15.52
N PHE B 10 4.68 -7.09 16.73
CA PHE B 10 4.04 -5.79 16.98
C PHE B 10 4.77 -5.03 18.06
N PHE B 11 4.70 -3.71 17.95
CA PHE B 11 5.08 -2.78 19.00
C PHE B 11 3.83 -1.93 19.37
N ASP B 12 3.57 -1.78 20.65
CA ASP B 12 2.55 -0.79 21.09
C ASP B 12 3.32 0.41 21.57
N ILE B 13 3.22 1.52 20.84
CA ILE B 13 3.99 2.70 21.09
C ILE B 13 3.31 3.69 22.02
N ALA B 14 4.08 4.29 22.92
CA ALA B 14 3.56 5.31 23.81
C ALA B 14 4.41 6.58 23.72
N VAL B 15 3.83 7.71 24.06
CA VAL B 15 4.46 9.02 24.02
C VAL B 15 4.28 9.64 25.39
N ASP B 16 5.38 9.88 26.11
CA ASP B 16 5.34 10.23 27.51
C ASP B 16 4.34 9.38 28.30
N GLY B 17 4.35 8.08 28.03
CA GLY B 17 3.48 7.12 28.75
C GLY B 17 2.06 6.98 28.25
N GLU B 18 1.62 7.88 27.37
CA GLU B 18 0.28 7.80 26.76
C GLU B 18 0.28 6.91 25.51
N PRO B 19 -0.58 5.89 25.43
CA PRO B 19 -0.59 5.07 24.20
C PRO B 19 -0.92 5.85 22.88
N LEU B 20 -0.15 5.53 21.83
CA LEU B 20 -0.23 6.20 20.50
C LEU B 20 -0.90 5.19 19.55
N GLY B 21 -0.37 3.98 19.49
CA GLY B 21 -1.00 2.92 18.68
C GLY B 21 0.00 1.83 18.37
N ARG B 22 -0.45 0.85 17.61
CA ARG B 22 0.28 -0.33 17.34
C ARG B 22 0.91 -0.28 15.98
N VAL B 23 2.16 -0.72 15.91
CA VAL B 23 2.84 -0.89 14.63
C VAL B 23 3.16 -2.36 14.50
N SER B 24 2.92 -2.96 13.35
N SER B 24 2.91 -2.96 13.35
CA SER B 24 3.24 -4.37 13.14
CA SER B 24 3.19 -4.37 13.15
C SER B 24 4.19 -4.51 11.97
C SER B 24 4.17 -4.51 11.96
N PHE B 25 5.05 -5.50 12.03
CA PHE B 25 6.09 -5.72 11.07
C PHE B 25 6.05 -7.13 10.50
N GLU B 26 6.23 -7.26 9.23
CA GLU B 26 6.62 -8.52 8.61
C GLU B 26 8.12 -8.65 8.67
N LEU B 27 8.61 -9.82 9.15
CA LEU B 27 10.05 -10.09 9.15
C LEU B 27 10.39 -11.05 8.03
N PHE B 28 11.40 -10.71 7.24
CA PHE B 28 11.72 -11.49 6.02
C PHE B 28 12.62 -12.66 6.37
N ALA B 29 12.06 -13.57 7.12
CA ALA B 29 12.79 -14.74 7.59
C ALA B 29 13.20 -15.68 6.44
N ASP B 30 12.50 -15.58 5.31
CA ASP B 30 12.84 -16.33 4.11
C ASP B 30 14.15 -15.92 3.50
N LYS B 31 14.52 -14.66 3.69
CA LYS B 31 15.74 -14.12 3.15
C LYS B 31 16.85 -13.87 4.18
N VAL B 32 16.49 -13.45 5.41
CA VAL B 32 17.50 -13.16 6.43
C VAL B 32 17.02 -13.80 7.73
N PRO B 33 17.06 -15.14 7.79
CA PRO B 33 16.55 -15.79 8.94
C PRO B 33 17.21 -15.45 10.27
N LYS B 34 18.52 -15.37 10.33
CA LYS B 34 19.23 -15.09 11.61
C LYS B 34 18.91 -13.71 12.13
N THR B 35 18.84 -12.74 11.24
CA THR B 35 18.57 -11.37 11.62
C THR B 35 17.09 -11.24 12.01
N ALA B 36 16.20 -11.83 11.24
CA ALA B 36 14.77 -11.86 11.62
C ALA B 36 14.53 -12.48 12.98
N GLU B 37 15.21 -13.59 13.24
CA GLU B 37 15.03 -14.31 14.50
C GLU B 37 15.46 -13.48 15.71
N ASN B 38 16.56 -12.75 15.55
CA ASN B 38 17.03 -11.87 16.63
C ASN B 38 15.97 -10.85 17.00
N PHE B 39 15.45 -10.16 16.03
CA PHE B 39 14.41 -9.14 16.27
C PHE B 39 13.13 -9.77 16.84
N ARG B 40 12.73 -10.88 16.28
CA ARG B 40 11.52 -11.58 16.78
C ARG B 40 11.68 -11.91 18.24
N ALA B 41 12.83 -12.52 18.64
CA ALA B 41 13.03 -12.93 20.01
C ALA B 41 13.15 -11.74 20.94
N LEU B 42 13.79 -10.67 20.51
CA LEU B 42 13.89 -9.48 21.36
C LEU B 42 12.50 -8.83 21.55
N SER B 43 11.60 -9.01 20.58
CA SER B 43 10.24 -8.50 20.68
C SER B 43 9.36 -9.33 21.61
N THR B 44 9.61 -10.63 21.73
CA THR B 44 8.79 -11.46 22.62
C THR B 44 9.35 -11.46 24.03
N GLY B 45 10.60 -11.06 24.18
CA GLY B 45 11.23 -11.08 25.48
C GLY B 45 11.60 -12.49 25.94
N GLU B 46 11.60 -13.48 25.04
CA GLU B 46 11.83 -14.84 25.43
C GLU B 46 13.20 -15.22 25.92
N LYS B 47 14.20 -14.37 25.68
CA LYS B 47 15.53 -14.63 26.28
C LYS B 47 15.70 -13.97 27.65
N GLY B 48 14.67 -13.28 28.14
CA GLY B 48 14.70 -12.64 29.43
C GLY B 48 15.11 -11.18 29.38
N PHE B 49 15.18 -10.66 28.19
CA PHE B 49 15.52 -9.25 27.92
C PHE B 49 14.91 -8.92 26.56
N GLY B 50 14.92 -7.64 26.21
CA GLY B 50 14.48 -7.24 24.87
C GLY B 50 13.89 -5.84 24.81
N TYR B 51 13.05 -5.61 23.83
CA TYR B 51 12.59 -4.29 23.49
C TYR B 51 11.51 -3.71 24.45
N LYS B 52 10.75 -4.53 25.16
CA LYS B 52 9.70 -3.98 26.01
C LYS B 52 10.23 -2.96 26.95
N GLY B 53 9.63 -1.74 26.89
CA GLY B 53 10.04 -0.64 27.78
C GLY B 53 11.16 0.25 27.31
N SER B 54 11.76 -0.13 26.18
CA SER B 54 12.84 0.64 25.56
C SER B 54 12.29 1.85 24.77
N CYS B 55 13.17 2.76 24.40
N CYS B 55 13.17 2.80 24.44
CA CYS B 55 12.77 3.96 23.71
CA CYS B 55 12.77 4.03 23.71
C CYS B 55 13.35 4.09 22.33
C CYS B 55 13.35 4.09 22.32
N PHE B 56 12.75 4.95 21.51
CA PHE B 56 13.35 5.39 20.24
C PHE B 56 14.19 6.61 20.60
N HIS B 57 15.51 6.48 20.58
CA HIS B 57 16.37 7.50 21.09
C HIS B 57 16.82 8.50 20.04
N ARG B 58 16.58 8.22 18.76
CA ARG B 58 17.03 9.12 17.68
C ARG B 58 15.99 9.06 16.60
N ILE B 59 15.28 10.17 16.41
CA ILE B 59 14.21 10.25 15.39
C ILE B 59 14.52 11.47 14.55
N ILE B 60 14.69 11.28 13.23
CA ILE B 60 15.04 12.35 12.30
C ILE B 60 13.94 12.37 11.26
N PRO B 61 13.06 13.40 11.31
CA PRO B 61 11.99 13.51 10.33
C PRO B 61 12.48 13.51 8.92
N GLY B 62 11.78 12.73 8.11
CA GLY B 62 12.14 12.56 6.72
C GLY B 62 13.20 11.53 6.46
N PHE B 63 13.70 10.87 7.53
CA PHE B 63 14.80 9.92 7.38
C PHE B 63 14.38 8.60 8.03
N MET B 64 14.46 8.52 9.35
CA MET B 64 14.15 7.25 10.03
C MET B 64 13.95 7.47 11.53
N CYS B 65 13.39 6.44 12.19
CA CYS B 65 13.25 6.38 13.64
C CYS B 65 14.13 5.22 14.10
N GLN B 66 15.06 5.49 15.04
CA GLN B 66 16.04 4.51 15.49
C GLN B 66 15.77 4.14 16.96
N GLY B 67 15.76 2.87 17.23
CA GLY B 67 15.52 2.35 18.56
C GLY B 67 16.27 1.06 18.81
N GLY B 68 15.85 0.38 19.87
CA GLY B 68 16.42 -0.93 20.18
C GLY B 68 17.55 -0.97 21.17
N ASP B 69 18.01 0.18 21.67
CA ASP B 69 19.11 0.16 22.68
C ASP B 69 18.45 0.01 24.06
N PHE B 70 18.14 -1.23 24.41
CA PHE B 70 17.41 -1.55 25.63
C PHE B 70 18.31 -1.66 26.81
N THR B 71 19.66 -1.54 26.64
CA THR B 71 20.54 -1.62 27.75
C THR B 71 21.03 -0.26 28.24
N ARG B 72 21.26 0.69 27.33
CA ARG B 72 21.78 2.03 27.68
C ARG B 72 20.89 3.21 27.20
N HIS B 73 19.88 2.91 26.36
CA HIS B 73 18.86 3.87 25.93
C HIS B 73 19.35 5.10 25.21
N ASN B 74 20.56 5.01 24.62
CA ASN B 74 21.13 6.18 23.98
C ASN B 74 21.95 5.95 22.73
N GLY B 75 22.01 4.71 22.26
CA GLY B 75 22.82 4.35 21.11
C GLY B 75 24.08 3.66 21.41
N THR B 76 24.49 3.72 22.70
CA THR B 76 25.73 3.12 23.04
C THR B 76 25.65 1.68 23.49
N GLY B 77 24.40 1.15 23.64
CA GLY B 77 24.23 -0.16 24.15
C GLY B 77 23.51 -1.05 23.20
N GLY B 78 22.87 -2.06 23.74
CA GLY B 78 22.19 -3.05 22.90
C GLY B 78 22.99 -4.35 22.77
N LYS B 79 22.25 -5.44 22.63
CA LYS B 79 22.86 -6.78 22.52
C LYS B 79 21.91 -7.69 21.76
N SER B 80 22.52 -8.57 20.98
CA SER B 80 21.73 -9.52 20.23
C SER B 80 21.47 -10.74 21.10
N ILE B 81 20.64 -11.64 20.57
CA ILE B 81 20.41 -12.92 21.21
C ILE B 81 21.52 -13.92 21.01
N TYR B 82 22.54 -13.58 20.20
CA TYR B 82 23.64 -14.46 19.85
C TYR B 82 24.95 -14.04 20.57
N GLY B 83 24.87 -13.01 21.39
CA GLY B 83 26.08 -12.25 21.85
C GLY B 83 25.99 -10.79 21.65
N GLU B 84 27.02 -10.09 22.10
CA GLU B 84 26.99 -8.64 21.89
C GLU B 84 26.80 -8.33 20.42
N LYS B 85 27.61 -8.91 19.52
CA LYS B 85 27.34 -8.66 18.08
C LYS B 85 27.29 -9.89 17.16
N PHE B 86 26.67 -9.74 16.04
CA PHE B 86 26.68 -10.73 14.98
C PHE B 86 26.89 -10.13 13.60
N GLU B 87 27.26 -11.02 12.70
CA GLU B 87 27.62 -10.67 11.37
C GLU B 87 26.50 -10.13 10.52
N ASP B 88 26.86 -9.33 9.52
CA ASP B 88 25.93 -9.00 8.45
C ASP B 88 25.54 -10.25 7.66
N GLU B 89 24.29 -10.66 7.75
CA GLU B 89 23.91 -11.94 7.17
C GLU B 89 23.99 -11.96 5.65
N ASN B 90 23.38 -10.96 5.05
CA ASN B 90 23.46 -10.67 3.61
C ASN B 90 22.89 -9.29 3.38
N PHE B 91 23.04 -8.81 2.15
CA PHE B 91 22.47 -7.52 1.76
C PHE B 91 21.55 -7.66 0.56
N ILE B 92 20.82 -8.76 0.55
CA ILE B 92 19.86 -9.03 -0.51
C ILE B 92 18.80 -7.94 -0.64
N LEU B 93 18.15 -7.61 0.48
CA LEU B 93 17.06 -6.64 0.46
C LEU B 93 17.57 -5.21 0.62
N LYS B 94 16.90 -4.31 -0.08
CA LYS B 94 17.37 -2.94 -0.20
C LYS B 94 16.42 -1.98 0.54
N HIS B 95 16.90 -0.76 0.77
CA HIS B 95 16.16 0.30 1.50
C HIS B 95 15.34 1.05 0.44
N THR B 96 14.21 0.49 0.12
CA THR B 96 13.40 0.89 -1.04
C THR B 96 12.35 1.92 -0.70
N GLY B 97 12.12 2.22 0.56
CA GLY B 97 11.14 3.23 0.88
C GLY B 97 10.65 3.26 2.27
N PRO B 98 9.62 4.06 2.55
CA PRO B 98 9.11 4.18 3.91
C PRO B 98 8.64 2.82 4.42
N GLY B 99 8.88 2.54 5.70
CA GLY B 99 8.43 1.32 6.30
C GLY B 99 9.44 0.19 6.38
N ILE B 100 10.58 0.34 5.71
CA ILE B 100 11.64 -0.64 5.75
C ILE B 100 12.24 -0.68 7.13
N LEU B 101 12.43 -1.88 7.62
CA LEU B 101 13.06 -2.18 8.92
C LEU B 101 14.42 -2.75 8.67
N SER B 102 15.44 -2.13 9.26
CA SER B 102 16.83 -2.42 8.96
C SER B 102 17.70 -2.29 10.20
N MET B 103 18.82 -3.00 10.21
CA MET B 103 19.70 -2.91 11.36
C MET B 103 20.62 -1.74 11.46
N ALA B 104 20.63 -1.05 12.59
CA ALA B 104 21.68 -0.09 12.90
C ALA B 104 22.96 -0.84 13.19
N ASN B 105 24.13 -0.21 13.05
CA ASN B 105 25.35 -0.88 13.42
C ASN B 105 26.44 0.11 13.74
N ALA B 106 27.63 -0.43 14.08
CA ALA B 106 28.81 0.38 14.29
C ALA B 106 29.88 -0.01 13.30
N GLY B 107 29.47 -0.22 12.06
CA GLY B 107 30.38 -0.70 11.04
C GLY B 107 30.09 -2.14 10.70
N PRO B 108 30.90 -2.70 9.81
CA PRO B 108 30.60 -4.07 9.36
C PRO B 108 30.55 -5.09 10.49
N ASN B 109 29.59 -6.01 10.40
CA ASN B 109 29.52 -7.16 11.31
C ASN B 109 29.48 -6.77 12.78
N THR B 110 28.61 -5.82 13.09
CA THR B 110 28.44 -5.33 14.43
C THR B 110 26.95 -5.25 14.79
N ASN B 111 26.11 -6.09 14.23
CA ASN B 111 24.69 -6.06 14.57
C ASN B 111 24.45 -6.46 15.99
N GLY B 112 23.52 -5.76 16.65
CA GLY B 112 23.23 -6.06 18.03
C GLY B 112 21.72 -6.17 18.19
N SER B 113 21.14 -5.15 18.77
CA SER B 113 19.66 -5.02 18.85
C SER B 113 19.11 -3.78 18.27
N GLN B 114 19.92 -2.78 17.96
CA GLN B 114 19.39 -1.50 17.46
C GLN B 114 18.98 -1.64 15.98
N PHE B 115 17.89 -0.94 15.66
CA PHE B 115 17.27 -1.00 14.38
C PHE B 115 16.76 0.36 14.01
N PHE B 116 16.29 0.48 12.74
CA PHE B 116 15.55 1.67 12.34
C PHE B 116 14.42 1.36 11.47
N ILE B 117 13.43 2.25 11.50
CA ILE B 117 12.28 2.19 10.60
C ILE B 117 12.46 3.39 9.69
N CYS B 118 12.61 3.14 8.42
CA CYS B 118 12.79 4.21 7.42
C CYS B 118 11.45 4.96 7.25
N THR B 119 11.53 6.28 7.04
CA THR B 119 10.37 7.06 6.68
C THR B 119 10.59 7.68 5.29
N ALA B 120 11.57 7.19 4.57
CA ALA B 120 11.92 7.58 3.20
C ALA B 120 12.74 6.46 2.58
N LYS B 121 13.06 6.53 1.31
CA LYS B 121 14.03 5.60 0.72
C LYS B 121 15.40 6.06 1.20
N THR B 122 16.22 5.14 1.58
CA THR B 122 17.53 5.44 2.09
C THR B 122 18.55 4.52 1.40
N GLU B 123 18.62 4.63 0.06
CA GLU B 123 19.42 3.65 -0.74
C GLU B 123 20.89 3.70 -0.43
N TRP B 124 21.39 4.81 0.11
CA TRP B 124 22.84 4.91 0.46
C TRP B 124 23.25 3.96 1.54
N LEU B 125 22.26 3.43 2.26
CA LEU B 125 22.52 2.43 3.31
C LEU B 125 22.56 1.02 2.78
N ASP B 126 22.16 0.80 1.54
CA ASP B 126 22.28 -0.52 0.87
C ASP B 126 23.73 -1.03 0.86
N GLY B 127 23.85 -2.30 1.24
CA GLY B 127 25.13 -2.94 1.36
C GLY B 127 25.90 -2.62 2.62
N LYS B 128 25.35 -1.78 3.49
CA LYS B 128 25.95 -1.42 4.77
C LYS B 128 25.07 -1.73 6.00
N HIS B 129 23.78 -1.78 5.77
CA HIS B 129 22.74 -2.15 6.81
C HIS B 129 21.89 -3.24 6.32
N VAL B 130 21.69 -4.28 7.12
CA VAL B 130 20.90 -5.43 6.74
C VAL B 130 19.41 -5.11 6.93
N VAL B 131 18.73 -5.11 5.79
CA VAL B 131 17.28 -5.00 5.75
C VAL B 131 16.66 -6.34 6.06
N PHE B 132 15.69 -6.34 6.97
CA PHE B 132 15.11 -7.60 7.42
C PHE B 132 13.58 -7.62 7.63
N GLY B 133 12.93 -6.49 7.41
CA GLY B 133 11.49 -6.48 7.51
C GLY B 133 10.86 -5.27 6.95
N LYS B 134 9.56 -5.15 7.17
CA LYS B 134 8.84 -3.93 6.81
C LYS B 134 7.62 -3.76 7.65
N VAL B 135 7.21 -2.53 7.85
CA VAL B 135 5.93 -2.21 8.46
C VAL B 135 4.81 -2.77 7.63
N LYS B 136 3.94 -3.50 8.34
CA LYS B 136 2.73 -4.13 7.70
C LYS B 136 1.53 -3.29 7.99
N GLU B 137 1.34 -2.91 9.26
CA GLU B 137 0.22 -2.08 9.68
C GLU B 137 0.72 -1.03 10.62
N GLY B 138 0.10 0.13 10.62
CA GLY B 138 0.51 1.19 11.54
C GLY B 138 1.55 2.16 11.04
N MET B 139 1.75 2.31 9.72
CA MET B 139 2.62 3.34 9.22
C MET B 139 2.18 4.75 9.68
N ASN B 140 0.88 4.96 9.85
CA ASN B 140 0.43 6.22 10.43
C ASN B 140 0.97 6.50 11.83
N ILE B 141 1.21 5.47 12.61
CA ILE B 141 1.81 5.59 13.94
C ILE B 141 3.28 5.98 13.82
N VAL B 142 3.98 5.38 12.87
CA VAL B 142 5.34 5.79 12.60
C VAL B 142 5.43 7.24 12.18
N GLU B 143 4.51 7.68 11.30
CA GLU B 143 4.52 9.05 10.88
C GLU B 143 4.26 9.98 12.08
N ALA B 144 3.41 9.56 13.00
CA ALA B 144 3.13 10.31 14.22
C ALA B 144 4.35 10.40 15.11
N MET B 145 5.14 9.32 15.17
CA MET B 145 6.40 9.31 15.93
C MET B 145 7.39 10.33 15.39
N GLU B 146 7.51 10.37 14.08
CA GLU B 146 8.38 11.38 13.41
C GLU B 146 8.16 12.80 13.90
N ARG B 147 6.93 13.15 14.23
CA ARG B 147 6.59 14.49 14.74
C ARG B 147 7.36 14.86 16.02
N PHE B 148 7.84 13.86 16.74
CA PHE B 148 8.53 14.12 17.99
C PHE B 148 10.06 14.10 17.82
N GLY B 149 10.56 14.03 16.59
CA GLY B 149 11.98 14.09 16.33
C GLY B 149 12.47 15.48 15.97
N SER B 150 13.71 15.51 15.52
CA SER B 150 14.35 16.78 15.17
C SER B 150 15.49 16.48 14.23
N ARG B 151 16.09 17.52 13.67
CA ARG B 151 17.16 17.30 12.72
C ARG B 151 18.35 16.57 13.31
N ASN B 152 18.73 16.85 14.56
CA ASN B 152 19.83 16.12 15.17
C ASN B 152 19.42 14.81 15.84
N GLY B 153 18.13 14.49 15.78
CA GLY B 153 17.62 13.24 16.28
C GLY B 153 17.04 13.28 17.66
N LYS B 154 17.30 14.32 18.47
CA LYS B 154 16.82 14.35 19.83
C LYS B 154 15.28 14.41 19.78
N THR B 155 14.62 13.67 20.66
CA THR B 155 13.15 13.61 20.66
C THR B 155 12.59 14.64 21.64
N SER B 156 11.43 15.19 21.31
CA SER B 156 10.80 16.22 22.16
C SER B 156 9.95 15.62 23.29
N LYS B 157 9.58 14.35 23.16
CA LYS B 157 8.89 13.57 24.18
C LYS B 157 9.49 12.17 24.17
N LYS B 158 9.29 11.42 25.24
CA LYS B 158 9.81 10.06 25.39
C LYS B 158 8.94 9.07 24.58
N ILE B 159 9.51 8.46 23.55
CA ILE B 159 8.79 7.60 22.66
C ILE B 159 9.16 6.17 23.00
N THR B 160 8.24 5.39 23.57
CA THR B 160 8.57 4.09 24.13
C THR B 160 7.84 2.98 23.44
N ILE B 161 8.45 1.78 23.54
CA ILE B 161 7.80 0.52 23.17
C ILE B 161 7.14 0.00 24.42
N ALA B 162 5.89 0.35 24.63
CA ALA B 162 5.24 0.00 25.93
C ALA B 162 4.99 -1.49 26.04
N ASP B 163 4.75 -2.13 24.89
CA ASP B 163 4.61 -3.55 24.84
C ASP B 163 5.00 -4.02 23.46
N CYS B 164 5.36 -5.26 23.37
CA CYS B 164 5.72 -5.86 22.11
C CYS B 164 5.60 -7.32 22.16
N GLY B 165 5.51 -7.94 21.00
CA GLY B 165 5.36 -9.38 20.94
C GLY B 165 5.15 -9.93 19.57
N GLN B 166 4.78 -11.19 19.48
CA GLN B 166 4.52 -11.82 18.21
C GLN B 166 3.08 -12.08 17.90
N LEU B 167 2.64 -11.73 16.66
CA LEU B 167 1.23 -12.01 16.24
C LEU B 167 1.28 -13.37 15.54
N VAL C 5 -8.33 6.14 6.65
CA VAL C 5 -8.98 5.67 7.92
C VAL C 5 -10.11 4.60 7.71
N ASN C 6 -11.00 4.74 6.71
CA ASN C 6 -11.80 3.58 6.30
C ASN C 6 -10.80 2.58 5.79
N PRO C 7 -10.90 1.34 6.26
CA PRO C 7 -9.97 0.32 5.85
C PRO C 7 -10.14 -0.08 4.43
N THR C 8 -9.07 -0.59 3.86
CA THR C 8 -9.05 -1.15 2.53
C THR C 8 -8.60 -2.59 2.56
N VAL C 9 -9.32 -3.50 1.89
CA VAL C 9 -8.87 -4.87 1.80
C VAL C 9 -8.76 -5.26 0.38
N PHE C 10 -8.03 -6.32 0.12
CA PHE C 10 -7.87 -6.78 -1.23
C PHE C 10 -8.14 -8.26 -1.29
N PHE C 11 -8.61 -8.70 -2.47
CA PHE C 11 -8.64 -10.07 -2.88
C PHE C 11 -7.79 -10.25 -4.16
N ASP C 12 -6.94 -11.24 -4.19
CA ASP C 12 -6.28 -11.66 -5.45
C ASP C 12 -7.10 -12.86 -5.93
N ILE C 13 -7.78 -12.69 -7.04
CA ILE C 13 -8.69 -13.68 -7.59
C ILE C 13 -7.99 -14.60 -8.56
N ALA C 14 -8.32 -15.90 -8.53
CA ALA C 14 -7.77 -16.87 -9.47
C ALA C 14 -8.91 -17.65 -10.11
N VAL C 15 -8.65 -18.18 -11.28
CA VAL C 15 -9.66 -18.97 -12.06
C VAL C 15 -9.00 -20.30 -12.35
N ASP C 16 -9.51 -21.39 -11.78
CA ASP C 16 -8.83 -22.72 -11.86
C ASP C 16 -7.33 -22.62 -11.53
N GLY C 17 -7.02 -21.81 -10.53
CA GLY C 17 -5.66 -21.67 -10.06
C GLY C 17 -4.84 -20.58 -10.71
N GLU C 18 -5.28 -20.07 -11.84
CA GLU C 18 -4.55 -19.06 -12.59
C GLU C 18 -4.91 -17.66 -12.14
N PRO C 19 -3.97 -16.82 -11.82
CA PRO C 19 -4.32 -15.49 -11.30
C PRO C 19 -5.04 -14.62 -12.37
N LEU C 20 -6.05 -13.90 -11.95
CA LEU C 20 -6.92 -13.06 -12.78
C LEU C 20 -6.51 -11.60 -12.48
N GLY C 21 -6.45 -11.25 -11.20
CA GLY C 21 -6.03 -9.93 -10.80
C GLY C 21 -6.55 -9.61 -9.37
N ARG C 22 -6.24 -8.41 -8.96
CA ARG C 22 -6.60 -7.91 -7.64
C ARG C 22 -7.84 -7.04 -7.68
N VAL C 23 -8.71 -7.24 -6.69
CA VAL C 23 -9.90 -6.38 -6.43
C VAL C 23 -9.68 -5.77 -5.04
N SER C 24 -9.77 -4.47 -4.90
CA SER C 24 -9.66 -3.85 -3.60
C SER C 24 -10.97 -3.20 -3.22
N PHE C 25 -11.28 -3.21 -1.94
CA PHE C 25 -12.51 -2.65 -1.44
C PHE C 25 -12.28 -1.62 -0.37
N GLU C 26 -13.05 -0.55 -0.38
CA GLU C 26 -13.19 0.31 0.77
C GLU C 26 -14.29 -0.25 1.68
N LEU C 27 -14.02 -0.38 2.96
CA LEU C 27 -15.05 -0.79 3.90
C LEU C 27 -15.53 0.40 4.70
N PHE C 28 -16.82 0.57 4.78
CA PHE C 28 -17.44 1.75 5.39
C PHE C 28 -17.57 1.56 6.87
N ALA C 29 -16.42 1.53 7.54
CA ALA C 29 -16.37 1.34 8.96
C ALA C 29 -16.92 2.54 9.71
N ASP C 30 -16.96 3.70 9.07
CA ASP C 30 -17.59 4.89 9.63
C ASP C 30 -19.14 4.80 9.75
N LYS C 31 -19.75 3.97 8.95
CA LYS C 31 -21.16 3.76 8.96
C LYS C 31 -21.65 2.40 9.47
N VAL C 32 -20.88 1.33 9.23
CA VAL C 32 -21.32 -0.06 9.62
C VAL C 32 -20.09 -0.73 10.22
N PRO C 33 -19.66 -0.29 11.38
CA PRO C 33 -18.40 -0.78 11.88
C PRO C 33 -18.31 -2.30 12.18
N LYS C 34 -19.32 -2.86 12.80
CA LYS C 34 -19.32 -4.27 13.12
C LYS C 34 -19.25 -5.17 11.87
N THR C 35 -20.03 -4.80 10.85
CA THR C 35 -20.08 -5.57 9.66
C THR C 35 -18.76 -5.41 8.87
N ALA C 36 -18.22 -4.17 8.81
CA ALA C 36 -16.95 -3.92 8.15
C ALA C 36 -15.81 -4.68 8.85
N GLU C 37 -15.87 -4.72 10.15
CA GLU C 37 -14.79 -5.40 10.91
C GLU C 37 -14.81 -6.90 10.73
N ASN C 38 -15.99 -7.50 10.63
CA ASN C 38 -16.09 -8.94 10.35
C ASN C 38 -15.40 -9.26 9.02
N PHE C 39 -15.77 -8.52 7.96
CA PHE C 39 -15.20 -8.76 6.63
C PHE C 39 -13.68 -8.53 6.68
N ARG C 40 -13.26 -7.44 7.29
CA ARG C 40 -11.80 -7.10 7.35
C ARG C 40 -11.01 -8.23 8.02
N ALA C 41 -11.52 -8.70 9.15
CA ALA C 41 -10.80 -9.80 9.88
C ALA C 41 -10.81 -11.11 9.14
N LEU C 42 -11.92 -11.39 8.42
CA LEU C 42 -11.92 -12.63 7.62
C LEU C 42 -10.97 -12.52 6.46
N SER C 43 -10.75 -11.30 5.98
CA SER C 43 -9.83 -11.07 4.84
C SER C 43 -8.37 -11.15 5.32
N THR C 44 -8.09 -10.81 6.57
CA THR C 44 -6.68 -10.92 7.00
C THR C 44 -6.37 -12.31 7.52
N GLY C 45 -7.40 -13.07 7.90
CA GLY C 45 -7.16 -14.40 8.50
C GLY C 45 -6.71 -14.34 9.93
N GLU C 46 -6.86 -13.18 10.57
CA GLU C 46 -6.29 -13.01 11.92
C GLU C 46 -6.96 -13.83 13.03
N LYS C 47 -8.13 -14.38 12.83
CA LYS C 47 -8.76 -15.24 13.82
C LYS C 47 -8.36 -16.71 13.60
N GLY C 48 -7.56 -16.99 12.58
CA GLY C 48 -7.19 -18.35 12.22
C GLY C 48 -8.10 -19.05 11.24
N PHE C 49 -8.98 -18.26 10.60
CA PHE C 49 -9.87 -18.76 9.56
C PHE C 49 -10.25 -17.55 8.74
N GLY C 50 -10.85 -17.79 7.59
CA GLY C 50 -11.36 -16.70 6.76
C GLY C 50 -11.37 -17.01 5.33
N TYR C 51 -11.29 -15.94 4.53
CA TYR C 51 -11.57 -16.06 3.12
C TYR C 51 -10.47 -16.63 2.26
N LYS C 52 -9.23 -16.62 2.72
CA LYS C 52 -8.16 -17.14 1.84
C LYS C 52 -8.41 -18.58 1.44
N GLY C 53 -8.36 -18.81 0.11
CA GLY C 53 -8.61 -20.13 -0.44
C GLY C 53 -10.03 -20.51 -0.72
N SER C 54 -10.95 -19.68 -0.32
CA SER C 54 -12.38 -19.93 -0.54
C SER C 54 -12.78 -19.55 -1.94
N CYS C 55 -13.99 -19.94 -2.32
N CYS C 55 -13.99 -19.97 -2.34
CA CYS C 55 -14.46 -19.71 -3.66
CA CYS C 55 -14.48 -19.71 -3.68
C CYS C 55 -15.73 -18.84 -3.72
C CYS C 55 -15.72 -18.82 -3.72
N PHE C 56 -15.96 -18.25 -4.89
CA PHE C 56 -17.23 -17.59 -5.21
C PHE C 56 -18.11 -18.73 -5.74
N HIS C 57 -19.11 -19.13 -4.97
CA HIS C 57 -19.92 -20.29 -5.30
C HIS C 57 -21.13 -20.03 -6.17
N ARG C 58 -21.52 -18.75 -6.31
CA ARG C 58 -22.74 -18.41 -7.05
C ARG C 58 -22.46 -17.10 -7.73
N ILE C 59 -22.43 -17.14 -9.05
CA ILE C 59 -22.18 -15.94 -9.83
C ILE C 59 -23.28 -15.86 -10.90
N ILE C 60 -24.02 -14.77 -10.91
CA ILE C 60 -25.11 -14.54 -11.86
C ILE C 60 -24.86 -13.29 -12.67
N PRO C 61 -24.51 -13.46 -13.96
CA PRO C 61 -24.15 -12.30 -14.77
C PRO C 61 -25.27 -11.25 -14.84
N GLY C 62 -24.84 -10.01 -14.68
CA GLY C 62 -25.73 -8.90 -14.62
C GLY C 62 -26.31 -8.64 -13.29
N PHE C 63 -25.96 -9.47 -12.29
CA PHE C 63 -26.52 -9.34 -10.93
C PHE C 63 -25.40 -9.20 -9.91
N MET C 64 -24.73 -10.28 -9.60
CA MET C 64 -23.71 -10.21 -8.55
C MET C 64 -22.87 -11.49 -8.53
N CYS C 65 -21.75 -11.38 -7.77
CA CYS C 65 -20.94 -12.50 -7.45
C CYS C 65 -20.97 -12.75 -5.94
N GLN C 66 -21.24 -13.98 -5.53
CA GLN C 66 -21.46 -14.31 -4.12
C GLN C 66 -20.35 -15.27 -3.63
N GLY C 67 -19.76 -14.93 -2.49
CA GLY C 67 -18.76 -15.76 -1.85
C GLY C 67 -18.81 -15.74 -0.39
N GLY C 68 -17.70 -16.16 0.22
CA GLY C 68 -17.57 -16.09 1.63
C GLY C 68 -17.90 -17.33 2.43
N ASP C 69 -18.40 -18.39 1.78
CA ASP C 69 -18.69 -19.64 2.51
C ASP C 69 -17.42 -20.47 2.52
N PHE C 70 -16.56 -20.14 3.49
CA PHE C 70 -15.27 -20.78 3.60
C PHE C 70 -15.31 -22.05 4.41
N THR C 71 -16.47 -22.44 4.93
CA THR C 71 -16.58 -23.70 5.67
C THR C 71 -17.18 -24.83 4.88
N ARG C 72 -18.13 -24.53 3.97
CA ARG C 72 -18.80 -25.56 3.16
C ARG C 72 -18.80 -25.33 1.67
N HIS C 73 -18.38 -24.13 1.24
CA HIS C 73 -18.13 -23.78 -0.16
C HIS C 73 -19.33 -23.85 -1.08
N ASN C 74 -20.53 -23.77 -0.51
CA ASN C 74 -21.74 -23.91 -1.32
C ASN C 74 -22.95 -23.13 -0.93
N GLY C 75 -22.80 -22.18 0.01
CA GLY C 75 -23.90 -21.42 0.53
C GLY C 75 -24.49 -21.92 1.80
N THR C 76 -24.16 -23.15 2.20
CA THR C 76 -24.78 -23.69 3.43
C THR C 76 -23.94 -23.40 4.66
N GLY C 77 -22.74 -22.84 4.47
CA GLY C 77 -21.84 -22.66 5.59
C GLY C 77 -21.52 -21.21 5.85
N GLY C 78 -20.36 -20.98 6.40
CA GLY C 78 -19.95 -19.63 6.73
C GLY C 78 -20.10 -19.36 8.22
N LYS C 79 -19.21 -18.49 8.67
CA LYS C 79 -19.23 -18.10 10.11
C LYS C 79 -18.58 -16.76 10.27
N SER C 80 -19.14 -15.98 11.17
CA SER C 80 -18.59 -14.66 11.47
C SER C 80 -17.48 -14.77 12.46
N ILE C 81 -16.83 -13.65 12.70
CA ILE C 81 -15.84 -13.58 13.81
C ILE C 81 -16.43 -13.46 15.19
N TYR C 82 -17.75 -13.36 15.32
CA TYR C 82 -18.44 -13.09 16.56
C TYR C 82 -18.97 -14.31 17.27
N GLY C 83 -18.75 -15.51 16.73
CA GLY C 83 -19.13 -16.74 17.46
C GLY C 83 -20.58 -17.18 17.18
N GLU C 84 -21.30 -16.35 16.39
CA GLU C 84 -22.72 -16.59 16.07
C GLU C 84 -23.10 -15.64 14.95
N LYS C 85 -24.20 -15.92 14.26
CA LYS C 85 -24.70 -15.04 13.19
C LYS C 85 -25.13 -13.78 13.86
N PHE C 86 -24.89 -12.63 13.24
CA PHE C 86 -25.12 -11.37 13.87
C PHE C 86 -26.19 -10.54 13.23
N GLU C 87 -26.69 -9.58 14.02
CA GLU C 87 -27.74 -8.70 13.61
C GLU C 87 -27.38 -7.77 12.46
N ASP C 88 -28.44 -7.42 11.71
CA ASP C 88 -28.34 -6.35 10.73
C ASP C 88 -28.03 -5.08 11.42
N GLU C 89 -26.85 -4.53 11.14
CA GLU C 89 -26.40 -3.38 11.90
C GLU C 89 -27.20 -2.12 11.66
N ASN C 90 -27.37 -1.80 10.37
CA ASN C 90 -28.26 -0.79 9.87
C ASN C 90 -28.40 -0.92 8.38
N PHE C 91 -29.32 -0.14 7.83
CA PHE C 91 -29.52 -0.08 6.36
C PHE C 91 -29.32 1.29 5.81
N ILE C 92 -28.32 1.98 6.34
CA ILE C 92 -28.02 3.33 5.92
C ILE C 92 -27.61 3.36 4.46
N LEU C 93 -26.70 2.47 4.07
CA LEU C 93 -26.21 2.44 2.68
C LEU C 93 -27.08 1.55 1.80
N LYS C 94 -27.24 1.99 0.57
CA LYS C 94 -28.12 1.31 -0.38
C LYS C 94 -27.32 0.65 -1.48
N HIS C 95 -28.02 -0.19 -2.23
CA HIS C 95 -27.48 -0.93 -3.39
C HIS C 95 -27.60 -0.05 -4.62
N THR C 96 -26.64 0.85 -4.79
CA THR C 96 -26.77 1.95 -5.69
C THR C 96 -26.16 1.64 -7.04
N GLY C 97 -25.42 0.54 -7.17
CA GLY C 97 -24.83 0.25 -8.47
C GLY C 97 -23.74 -0.76 -8.45
N PRO C 98 -23.07 -0.94 -9.60
CA PRO C 98 -21.97 -1.89 -9.65
C PRO C 98 -20.86 -1.60 -8.64
N GLY C 99 -20.33 -2.63 -8.08
CA GLY C 99 -19.22 -2.53 -7.10
C GLY C 99 -19.61 -2.52 -5.65
N ILE C 100 -20.88 -2.37 -5.34
CA ILE C 100 -21.35 -2.40 -3.97
C ILE C 100 -21.08 -3.77 -3.35
N LEU C 101 -20.55 -3.77 -2.14
CA LEU C 101 -20.29 -4.96 -1.34
C LEU C 101 -21.31 -5.04 -0.20
N SER C 102 -22.03 -6.15 -0.11
CA SER C 102 -23.15 -6.28 0.79
C SER C 102 -23.21 -7.69 1.36
N MET C 103 -23.89 -7.82 2.48
CA MET C 103 -23.97 -9.12 3.13
C MET C 103 -25.05 -10.01 2.59
N ALA C 104 -24.74 -11.26 2.25
CA ALA C 104 -25.71 -12.32 2.03
C ALA C 104 -26.32 -12.71 3.36
N ASN C 105 -27.53 -13.26 3.37
CA ASN C 105 -28.10 -13.72 4.66
C ASN C 105 -29.14 -14.76 4.42
N ALA C 106 -29.75 -15.21 5.51
CA ALA C 106 -30.90 -16.18 5.46
C ALA C 106 -32.12 -15.51 6.09
N GLY C 107 -32.32 -14.22 5.82
CA GLY C 107 -33.38 -13.47 6.45
C GLY C 107 -32.85 -12.49 7.47
N PRO C 108 -33.74 -11.80 8.18
CA PRO C 108 -33.26 -10.78 9.10
C PRO C 108 -32.31 -11.32 10.15
N ASN C 109 -31.29 -10.53 10.49
CA ASN C 109 -30.37 -10.83 11.59
C ASN C 109 -29.70 -12.18 11.54
N THR C 110 -29.16 -12.51 10.36
CA THR C 110 -28.51 -13.76 10.09
C THR C 110 -27.20 -13.57 9.32
N ASN C 111 -26.49 -12.52 9.64
CA ASN C 111 -25.20 -12.29 8.96
C ASN C 111 -24.12 -13.22 9.48
N GLY C 112 -23.34 -13.80 8.55
CA GLY C 112 -22.23 -14.69 8.93
C GLY C 112 -21.00 -14.18 8.22
N SER C 113 -20.58 -14.89 7.20
CA SER C 113 -19.40 -14.50 6.41
C SER C 113 -19.70 -14.28 4.97
N GLN C 114 -20.83 -14.74 4.46
CA GLN C 114 -21.11 -14.66 3.03
C GLN C 114 -21.53 -13.26 2.62
N PHE C 115 -21.05 -12.87 1.47
CA PHE C 115 -21.17 -11.53 0.94
C PHE C 115 -21.40 -11.63 -0.58
N PHE C 116 -21.73 -10.46 -1.16
CA PHE C 116 -21.83 -10.31 -2.57
C PHE C 116 -21.28 -9.02 -3.07
N ILE C 117 -20.78 -9.05 -4.34
CA ILE C 117 -20.30 -7.88 -5.01
C ILE C 117 -21.30 -7.67 -6.14
N CYS C 118 -21.95 -6.52 -6.15
CA CYS C 118 -22.97 -6.24 -7.20
C CYS C 118 -22.32 -5.89 -8.52
N THR C 119 -22.94 -6.28 -9.64
CA THR C 119 -22.54 -5.84 -10.93
C THR C 119 -23.61 -5.01 -11.61
N ALA C 120 -24.57 -4.53 -10.83
CA ALA C 120 -25.71 -3.74 -11.27
C ALA C 120 -26.27 -3.07 -10.07
N LYS C 121 -27.20 -2.14 -10.26
CA LYS C 121 -27.98 -1.61 -9.12
C LYS C 121 -28.97 -2.68 -8.73
N THR C 122 -29.05 -3.02 -7.47
CA THR C 122 -29.89 -4.11 -6.98
C THR C 122 -30.81 -3.54 -5.87
N GLU C 123 -31.59 -2.54 -6.21
CA GLU C 123 -32.35 -1.81 -5.17
C GLU C 123 -33.40 -2.59 -4.45
N TRP C 124 -33.84 -3.72 -5.02
CA TRP C 124 -34.82 -4.62 -4.36
C TRP C 124 -34.25 -5.33 -3.15
N LEU C 125 -32.94 -5.19 -2.94
CA LEU C 125 -32.24 -5.69 -1.75
C LEU C 125 -32.13 -4.67 -0.60
N ASP C 126 -32.39 -3.40 -0.91
CA ASP C 126 -32.33 -2.35 0.08
C ASP C 126 -33.23 -2.65 1.27
N GLY C 127 -32.68 -2.43 2.46
CA GLY C 127 -33.43 -2.69 3.67
C GLY C 127 -33.47 -4.14 4.09
N LYS C 128 -32.88 -5.02 3.27
CA LYS C 128 -32.81 -6.46 3.54
C LYS C 128 -31.38 -7.02 3.68
N HIS C 129 -30.42 -6.41 3.01
CA HIS C 129 -29.02 -6.78 3.00
C HIS C 129 -28.25 -5.59 3.40
N VAL C 130 -27.33 -5.75 4.34
CA VAL C 130 -26.50 -4.68 4.88
C VAL C 130 -25.30 -4.43 3.92
N VAL C 131 -25.31 -3.24 3.35
CA VAL C 131 -24.24 -2.73 2.49
C VAL C 131 -23.18 -2.18 3.41
N PHE C 132 -21.95 -2.59 3.13
CA PHE C 132 -20.81 -2.25 4.00
C PHE C 132 -19.52 -1.88 3.29
N GLY C 133 -19.49 -1.83 1.99
CA GLY C 133 -18.29 -1.46 1.27
C GLY C 133 -18.52 -1.24 -0.17
N LYS C 134 -17.44 -0.97 -0.89
CA LYS C 134 -17.54 -0.84 -2.32
C LYS C 134 -16.16 -1.12 -2.96
N VAL C 135 -16.19 -1.63 -4.15
CA VAL C 135 -14.94 -1.82 -4.93
C VAL C 135 -14.32 -0.47 -5.17
N LYS C 136 -13.02 -0.39 -4.88
CA LYS C 136 -12.17 0.81 -5.03
C LYS C 136 -11.34 0.69 -6.31
N GLU C 137 -10.71 -0.46 -6.50
CA GLU C 137 -9.91 -0.77 -7.71
C GLU C 137 -10.21 -2.19 -8.14
N GLY C 138 -10.08 -2.47 -9.43
CA GLY C 138 -10.30 -3.82 -9.95
C GLY C 138 -11.72 -4.19 -10.33
N MET C 139 -12.58 -3.22 -10.60
CA MET C 139 -13.91 -3.58 -11.12
C MET C 139 -13.80 -4.38 -12.41
N ASN C 140 -12.79 -4.11 -13.25
CA ASN C 140 -12.59 -4.97 -14.42
C ASN C 140 -12.39 -6.46 -14.10
N ILE C 141 -11.81 -6.74 -12.94
CA ILE C 141 -11.65 -8.10 -12.48
C ILE C 141 -13.01 -8.72 -12.14
N VAL C 142 -13.83 -7.94 -11.43
CA VAL C 142 -15.18 -8.40 -11.13
C VAL C 142 -15.97 -8.66 -12.40
N GLU C 143 -15.83 -7.79 -13.37
CA GLU C 143 -16.53 -8.05 -14.68
C GLU C 143 -16.02 -9.31 -15.36
N ALA C 144 -14.74 -9.58 -15.24
CA ALA C 144 -14.19 -10.83 -15.72
C ALA C 144 -14.71 -12.08 -14.99
N MET C 145 -14.97 -11.96 -13.69
CA MET C 145 -15.49 -13.08 -12.90
C MET C 145 -16.87 -13.44 -13.40
N GLU C 146 -17.63 -12.42 -13.75
CA GLU C 146 -19.01 -12.62 -14.24
C GLU C 146 -19.03 -13.56 -15.42
N ARG C 147 -17.98 -13.56 -16.23
CA ARG C 147 -17.88 -14.42 -17.42
C ARG C 147 -17.96 -15.92 -17.05
N PHE C 148 -17.75 -16.26 -15.79
CA PHE C 148 -17.77 -17.66 -15.35
C PHE C 148 -19.04 -18.05 -14.65
N GLY C 149 -20.03 -17.18 -14.63
CA GLY C 149 -21.28 -17.51 -14.01
C GLY C 149 -22.30 -17.99 -14.98
N SER C 150 -23.53 -18.11 -14.47
CA SER C 150 -24.63 -18.59 -15.28
C SER C 150 -25.95 -18.14 -14.66
N ARG C 151 -27.05 -18.36 -15.41
CA ARG C 151 -28.33 -17.80 -14.94
C ARG C 151 -28.71 -18.39 -13.63
N ASN C 152 -28.45 -19.67 -13.45
CA ASN C 152 -28.75 -20.27 -12.13
C ASN C 152 -27.66 -20.13 -11.09
N GLY C 153 -26.55 -19.46 -11.43
CA GLY C 153 -25.51 -19.17 -10.52
C GLY C 153 -24.33 -20.11 -10.46
N LYS C 154 -24.48 -21.31 -11.00
CA LYS C 154 -23.38 -22.27 -10.95
C LYS C 154 -22.20 -21.68 -11.76
N THR C 155 -21.00 -21.84 -11.25
CA THR C 155 -19.82 -21.28 -11.92
C THR C 155 -19.25 -22.34 -12.85
N SER C 156 -18.64 -21.86 -13.93
CA SER C 156 -18.14 -22.79 -14.95
C SER C 156 -16.66 -23.19 -14.73
N LYS C 157 -15.97 -22.45 -13.88
CA LYS C 157 -14.62 -22.72 -13.43
C LYS C 157 -14.60 -22.37 -11.98
N LYS C 158 -13.58 -22.85 -11.28
CA LYS C 158 -13.43 -22.55 -9.87
C LYS C 158 -12.82 -21.14 -9.64
N ILE C 159 -13.60 -20.23 -9.04
CA ILE C 159 -13.19 -18.87 -8.88
C ILE C 159 -12.80 -18.71 -7.44
N THR C 160 -11.53 -18.45 -7.16
CA THR C 160 -11.05 -18.52 -5.79
C THR C 160 -10.43 -17.21 -5.39
N ILE C 161 -10.47 -16.99 -4.07
CA ILE C 161 -9.71 -15.94 -3.44
C ILE C 161 -8.33 -16.55 -3.12
N ALA C 162 -7.38 -16.35 -3.99
CA ALA C 162 -6.06 -17.01 -3.78
C ALA C 162 -5.25 -16.36 -2.70
N ASP C 163 -5.42 -15.06 -2.53
CA ASP C 163 -4.87 -14.36 -1.38
C ASP C 163 -5.73 -13.18 -1.05
N CYS C 164 -5.63 -12.72 0.17
CA CYS C 164 -6.40 -11.57 0.62
C CYS C 164 -5.77 -10.98 1.81
N GLY C 165 -6.08 -9.74 2.06
CA GLY C 165 -5.51 -9.06 3.17
C GLY C 165 -5.88 -7.63 3.25
N GLN C 166 -5.20 -6.89 4.12
CA GLN C 166 -5.50 -5.50 4.29
C GLN C 166 -4.40 -4.64 3.67
N LEU C 167 -4.79 -3.58 2.91
CA LEU C 167 -3.79 -2.62 2.33
C LEU C 167 -3.58 -1.41 3.24
N GLU C 168 -4.66 -0.76 3.57
CA GLU C 168 -4.65 0.47 4.42
C GLU C 168 -5.81 0.45 5.46
N VAL D 5 0.55 45.17 11.21
CA VAL D 5 -0.13 44.76 12.50
C VAL D 5 -1.27 43.71 12.34
N ASN D 6 -2.16 43.81 11.33
CA ASN D 6 -2.91 42.62 10.96
C ASN D 6 -1.92 41.58 10.49
N PRO D 7 -2.06 40.36 10.97
CA PRO D 7 -1.11 39.32 10.60
C PRO D 7 -1.32 38.84 9.22
N THR D 8 -0.26 38.29 8.64
CA THR D 8 -0.26 37.68 7.32
C THR D 8 0.19 36.23 7.42
N VAL D 9 -0.53 35.31 6.80
CA VAL D 9 -0.10 33.93 6.79
C VAL D 9 -0.05 33.47 5.37
N PHE D 10 0.68 32.39 5.14
CA PHE D 10 0.78 31.84 3.79
C PHE D 10 0.47 30.33 3.80
N PHE D 11 -0.03 29.85 2.65
CA PHE D 11 -0.07 28.45 2.31
C PHE D 11 0.77 28.24 1.03
N ASP D 12 1.59 27.18 1.00
CA ASP D 12 2.21 26.72 -0.21
C ASP D 12 1.43 25.48 -0.67
N ILE D 13 0.71 25.62 -1.76
CA ILE D 13 -0.21 24.64 -2.24
C ILE D 13 0.47 23.68 -3.17
N ALA D 14 0.12 22.39 -3.10
CA ALA D 14 0.58 21.38 -4.06
C ALA D 14 -0.56 20.59 -4.65
N VAL D 15 -0.34 20.01 -5.82
CA VAL D 15 -1.39 19.30 -6.57
C VAL D 15 -0.79 17.94 -6.85
N ASP D 16 -1.32 16.90 -6.19
CA ASP D 16 -0.69 15.55 -6.27
C ASP D 16 0.80 15.61 -5.96
N GLY D 17 1.13 16.42 -4.99
CA GLY D 17 2.53 16.55 -4.56
C GLY D 17 3.40 17.56 -5.28
N GLU D 18 2.98 18.03 -6.42
CA GLU D 18 3.70 19.01 -7.21
C GLU D 18 3.40 20.43 -6.74
N PRO D 19 4.36 21.23 -6.36
CA PRO D 19 4.07 22.61 -5.91
C PRO D 19 3.40 23.49 -7.01
N LEU D 20 2.36 24.21 -6.59
CA LEU D 20 1.52 25.05 -7.45
C LEU D 20 1.98 26.51 -7.18
N GLY D 21 2.06 26.92 -5.92
CA GLY D 21 2.47 28.25 -5.60
C GLY D 21 1.95 28.65 -4.23
N ARG D 22 2.29 29.87 -3.85
CA ARG D 22 1.98 30.40 -2.55
C ARG D 22 0.76 31.32 -2.60
N VAL D 23 -0.11 31.17 -1.58
CA VAL D 23 -1.28 32.07 -1.36
C VAL D 23 -1.03 32.72 -0.01
N SER D 24 -1.08 34.04 0.07
CA SER D 24 -0.95 34.73 1.35
C SER D 24 -2.25 35.44 1.71
N PHE D 25 -2.52 35.48 3.00
CA PHE D 25 -3.77 36.06 3.52
C PHE D 25 -3.52 37.11 4.50
N GLU D 26 -4.29 38.20 4.44
CA GLU D 26 -4.40 39.12 5.54
C GLU D 26 -5.50 38.62 6.48
N LEU D 27 -5.20 38.50 7.77
CA LEU D 27 -6.22 38.15 8.74
C LEU D 27 -6.68 39.39 9.48
N PHE D 28 -7.98 39.58 9.56
CA PHE D 28 -8.59 40.79 10.16
C PHE D 28 -8.72 40.65 11.67
N ALA D 29 -7.56 40.63 12.31
CA ALA D 29 -7.49 40.54 13.74
C ALA D 29 -8.08 41.76 14.45
N ASP D 30 -8.07 42.90 13.77
CA ASP D 30 -8.68 44.13 14.29
C ASP D 30 -10.19 44.06 14.44
N LYS D 31 -10.83 43.21 13.68
CA LYS D 31 -12.27 43.04 13.71
C LYS D 31 -12.74 41.72 14.28
N VAL D 32 -12.00 40.60 14.04
CA VAL D 32 -12.41 39.25 14.56
C VAL D 32 -11.20 38.59 15.15
N PRO D 33 -10.82 39.07 16.35
CA PRO D 33 -9.50 38.64 16.81
C PRO D 33 -9.41 37.15 17.14
N LYS D 34 -10.43 36.62 17.77
CA LYS D 34 -10.41 35.19 18.14
C LYS D 34 -10.34 34.26 16.91
N THR D 35 -11.14 34.57 15.92
CA THR D 35 -11.20 33.78 14.70
C THR D 35 -9.91 33.91 13.90
N ALA D 36 -9.38 35.13 13.79
CA ALA D 36 -8.07 35.32 13.17
C ALA D 36 -6.97 34.56 13.87
N GLU D 37 -6.98 34.59 15.20
CA GLU D 37 -5.90 33.94 15.97
C GLU D 37 -5.92 32.42 15.84
N ASN D 38 -7.14 31.87 15.80
CA ASN D 38 -7.25 30.42 15.56
C ASN D 38 -6.57 30.03 14.25
N PHE D 39 -6.98 30.69 13.17
CA PHE D 39 -6.39 30.36 11.85
C PHE D 39 -4.89 30.60 11.86
N ARG D 40 -4.45 31.69 12.45
CA ARG D 40 -3.01 32.02 12.47
C ARG D 40 -2.21 30.89 13.15
N ALA D 41 -2.69 30.49 14.33
CA ALA D 41 -1.98 29.42 15.10
C ALA D 41 -2.04 28.06 14.40
N LEU D 42 -3.16 27.77 13.74
CA LEU D 42 -3.22 26.53 12.98
C LEU D 42 -2.29 26.54 11.77
N SER D 43 -2.05 27.73 11.20
CA SER D 43 -1.12 27.89 10.09
C SER D 43 0.33 27.79 10.54
N THR D 44 0.66 28.22 11.71
CA THR D 44 2.05 28.10 12.18
C THR D 44 2.34 26.72 12.75
N GLY D 45 1.32 26.00 13.19
CA GLY D 45 1.53 24.69 13.81
C GLY D 45 1.99 24.82 15.27
N GLU D 46 1.90 26.00 15.85
CA GLU D 46 2.47 26.20 17.19
C GLU D 46 1.79 25.46 18.35
N LYS D 47 0.60 24.93 18.18
CA LYS D 47 -0.03 24.10 19.22
C LYS D 47 0.31 22.63 19.05
N GLY D 48 1.12 22.30 18.06
CA GLY D 48 1.47 20.92 17.76
C GLY D 48 0.52 20.20 16.83
N PHE D 49 -0.38 20.97 16.19
CA PHE D 49 -1.25 20.44 15.16
C PHE D 49 -1.63 21.63 14.28
N GLY D 50 -2.22 21.34 13.13
CA GLY D 50 -2.70 22.38 12.28
C GLY D 50 -2.73 22.00 10.85
N TYR D 51 -2.67 23.03 10.00
CA TYR D 51 -3.00 22.86 8.56
C TYR D 51 -1.92 22.23 7.72
N LYS D 52 -0.66 22.22 8.20
CA LYS D 52 0.39 21.62 7.32
C LYS D 52 0.13 20.19 7.00
N GLY D 53 0.14 19.89 5.70
CA GLY D 53 -0.16 18.55 5.20
C GLY D 53 -1.60 18.17 4.97
N SER D 54 -2.48 19.05 5.35
CA SER D 54 -3.92 18.82 5.12
C SER D 54 -4.33 19.13 3.70
N CYS D 55 -5.57 18.76 3.33
N CYS D 55 -5.55 18.71 3.36
CA CYS D 55 -6.06 18.92 2.00
CA CYS D 55 -6.13 18.81 2.01
C CYS D 55 -7.31 19.81 1.92
C CYS D 55 -7.29 19.81 1.94
N PHE D 56 -7.54 20.36 0.76
CA PHE D 56 -8.82 21.01 0.39
C PHE D 56 -9.75 19.89 -0.09
N HIS D 57 -10.74 19.53 0.71
CA HIS D 57 -11.55 18.35 0.45
C HIS D 57 -12.74 18.62 -0.44
N ARG D 58 -13.08 19.89 -0.60
CA ARG D 58 -14.32 20.24 -1.36
C ARG D 58 -14.05 21.52 -2.09
N ILE D 59 -14.03 21.47 -3.42
CA ILE D 59 -13.81 22.63 -4.24
C ILE D 59 -14.88 22.70 -5.33
N ILE D 60 -15.62 23.80 -5.35
CA ILE D 60 -16.77 23.96 -6.26
C ILE D 60 -16.48 25.21 -7.12
N PRO D 61 -16.18 25.01 -8.41
CA PRO D 61 -15.77 26.13 -9.28
C PRO D 61 -16.86 27.17 -9.34
N GLY D 62 -16.42 28.41 -9.27
CA GLY D 62 -17.33 29.51 -9.26
C GLY D 62 -17.92 29.80 -7.91
N PHE D 63 -17.50 29.05 -6.88
CA PHE D 63 -18.07 29.21 -5.55
C PHE D 63 -16.93 29.37 -4.53
N MET D 64 -16.29 28.28 -4.17
CA MET D 64 -15.23 28.39 -3.15
C MET D 64 -14.38 27.11 -3.09
N CYS D 65 -13.24 27.24 -2.35
CA CYS D 65 -12.43 26.09 -1.96
C CYS D 65 -12.47 25.90 -0.47
N GLN D 66 -12.78 24.70 0.00
CA GLN D 66 -13.00 24.45 1.43
C GLN D 66 -11.90 23.50 1.94
N GLY D 67 -11.27 23.89 3.03
CA GLY D 67 -10.32 23.06 3.67
C GLY D 67 -10.30 23.15 5.16
N GLY D 68 -9.20 22.73 5.76
CA GLY D 68 -8.97 22.84 7.18
C GLY D 68 -9.37 21.66 8.03
N ASP D 69 -9.87 20.58 7.43
CA ASP D 69 -10.13 19.35 8.22
C ASP D 69 -8.87 18.51 8.27
N PHE D 70 -8.05 18.86 9.22
CA PHE D 70 -6.74 18.22 9.34
C PHE D 70 -6.80 16.97 10.19
N THR D 71 -7.95 16.64 10.76
CA THR D 71 -8.09 15.44 11.55
C THR D 71 -8.73 14.27 10.79
N ARG D 72 -9.68 14.54 9.90
CA ARG D 72 -10.38 13.49 9.16
C ARG D 72 -10.38 13.64 7.63
N HIS D 73 -9.96 14.80 7.15
CA HIS D 73 -9.73 15.09 5.72
C HIS D 73 -10.95 14.95 4.83
N ASN D 74 -12.14 15.09 5.42
CA ASN D 74 -13.36 14.92 4.64
C ASN D 74 -14.55 15.76 5.03
N GLY D 75 -14.35 16.73 5.90
CA GLY D 75 -15.42 17.56 6.41
C GLY D 75 -15.99 17.15 7.74
N THR D 76 -15.69 15.91 8.15
CA THR D 76 -16.31 15.44 9.40
C THR D 76 -15.43 15.76 10.62
N GLY D 77 -14.23 16.30 10.38
CA GLY D 77 -13.31 16.54 11.50
C GLY D 77 -12.95 17.99 11.68
N GLY D 78 -11.80 18.24 12.26
CA GLY D 78 -11.32 19.58 12.52
C GLY D 78 -11.45 19.92 13.97
N LYS D 79 -10.53 20.78 14.41
CA LYS D 79 -10.56 21.27 15.78
C LYS D 79 -9.88 22.61 15.88
N SER D 80 -10.42 23.46 16.74
CA SER D 80 -9.86 24.77 16.99
C SER D 80 -8.72 24.68 17.95
N ILE D 81 -8.05 25.80 18.13
CA ILE D 81 -7.01 25.91 19.19
C ILE D 81 -7.58 26.05 20.59
N TYR D 82 -8.88 26.16 20.70
CA TYR D 82 -9.54 26.54 21.97
C TYR D 82 -10.03 25.36 22.76
N GLY D 83 -9.85 24.14 22.27
CA GLY D 83 -10.29 22.94 23.01
C GLY D 83 -11.75 22.55 22.81
N GLU D 84 -12.48 23.35 22.05
CA GLU D 84 -13.90 23.11 21.79
C GLU D 84 -14.26 24.05 20.61
N LYS D 85 -15.39 23.75 19.98
CA LYS D 85 -15.91 24.58 18.87
C LYS D 85 -16.26 25.89 19.49
N PHE D 86 -16.02 27.00 18.80
CA PHE D 86 -16.16 28.32 19.33
C PHE D 86 -17.23 29.16 18.65
N GLU D 87 -17.73 30.15 19.43
CA GLU D 87 -18.83 30.98 19.01
C GLU D 87 -18.52 31.82 17.79
N ASP D 88 -19.59 32.18 17.05
CA ASP D 88 -19.50 33.17 15.99
C ASP D 88 -19.18 34.49 16.62
N GLU D 89 -17.98 34.98 16.35
CA GLU D 89 -17.55 36.16 17.04
C GLU D 89 -18.31 37.41 16.71
N ASN D 90 -18.53 37.65 15.42
CA ASN D 90 -19.40 38.65 14.89
C ASN D 90 -19.59 38.40 13.41
N PHE D 91 -20.51 39.15 12.81
CA PHE D 91 -20.71 39.14 11.36
C PHE D 91 -20.49 40.49 10.74
N ILE D 92 -19.47 41.18 11.20
CA ILE D 92 -19.18 42.50 10.69
C ILE D 92 -18.78 42.48 9.23
N LEU D 93 -17.88 41.58 8.88
CA LEU D 93 -17.36 41.51 7.52
C LEU D 93 -18.27 40.62 6.68
N LYS D 94 -18.46 40.99 5.42
CA LYS D 94 -19.35 40.30 4.55
C LYS D 94 -18.57 39.57 3.44
N HIS D 95 -19.27 38.68 2.75
CA HIS D 95 -18.73 37.89 1.66
C HIS D 95 -18.87 38.73 0.36
N THR D 96 -17.90 39.58 0.11
CA THR D 96 -18.02 40.66 -0.84
C THR D 96 -17.40 40.30 -2.19
N GLY D 97 -16.69 39.19 -2.28
CA GLY D 97 -16.11 38.81 -3.54
C GLY D 97 -15.05 37.76 -3.46
N PRO D 98 -14.37 37.53 -4.59
CA PRO D 98 -13.29 36.56 -4.62
C PRO D 98 -12.19 36.92 -3.63
N GLY D 99 -11.66 35.90 -3.00
CA GLY D 99 -10.54 36.04 -2.07
C GLY D 99 -10.91 36.08 -0.62
N ILE D 100 -12.18 36.27 -0.32
CA ILE D 100 -12.63 36.28 1.05
C ILE D 100 -12.37 34.94 1.72
N LEU D 101 -11.88 35.01 2.95
CA LEU D 101 -11.59 33.88 3.79
C LEU D 101 -12.63 33.88 4.90
N SER D 102 -13.32 32.76 5.07
CA SER D 102 -14.45 32.67 5.99
C SER D 102 -14.55 31.28 6.64
N MET D 103 -15.21 31.20 7.77
CA MET D 103 -15.32 29.95 8.49
C MET D 103 -16.43 29.04 7.99
N ALA D 104 -16.11 27.80 7.72
CA ALA D 104 -17.13 26.73 7.55
C ALA D 104 -17.70 26.41 8.93
N ASN D 105 -18.91 25.90 9.03
CA ASN D 105 -19.45 25.53 10.33
C ASN D 105 -20.53 24.48 10.16
N ALA D 106 -21.09 24.08 11.28
CA ALA D 106 -22.24 23.14 11.30
C ALA D 106 -23.43 23.84 11.96
N GLY D 107 -23.66 25.09 11.61
CA GLY D 107 -24.72 25.91 12.20
C GLY D 107 -24.13 26.94 13.16
N PRO D 108 -24.98 27.64 13.91
CA PRO D 108 -24.51 28.70 14.76
C PRO D 108 -23.53 28.25 15.85
N ASN D 109 -22.47 29.02 16.04
CA ASN D 109 -21.48 28.77 17.12
C ASN D 109 -20.86 27.39 17.12
N THR D 110 -20.34 27.01 15.97
CA THR D 110 -19.73 25.72 15.79
C THR D 110 -18.44 25.87 14.98
N ASN D 111 -17.73 26.96 15.22
CA ASN D 111 -16.44 27.16 14.49
C ASN D 111 -15.38 26.22 15.03
N GLY D 112 -14.63 25.61 14.10
CA GLY D 112 -13.56 24.69 14.50
C GLY D 112 -12.31 25.11 13.75
N SER D 113 -11.91 24.33 12.77
CA SER D 113 -10.74 24.69 11.96
C SER D 113 -11.07 24.84 10.51
N GLN D 114 -12.21 24.34 10.04
CA GLN D 114 -12.54 24.40 8.62
C GLN D 114 -12.94 25.78 8.13
N PHE D 115 -12.46 26.11 6.94
CA PHE D 115 -12.54 27.42 6.35
C PHE D 115 -12.86 27.25 4.86
N PHE D 116 -13.19 28.39 4.22
CA PHE D 116 -13.23 28.47 2.80
C PHE D 116 -12.72 29.78 2.23
N ILE D 117 -12.20 29.67 0.98
CA ILE D 117 -11.74 30.81 0.23
C ILE D 117 -12.73 30.99 -0.89
N CYS D 118 -13.37 32.13 -0.90
CA CYS D 118 -14.38 32.40 -1.95
C CYS D 118 -13.72 32.65 -3.29
N THR D 119 -14.37 32.22 -4.37
CA THR D 119 -13.98 32.62 -5.69
C THR D 119 -15.06 33.46 -6.41
N ALA D 120 -16.00 33.96 -5.64
CA ALA D 120 -17.10 34.76 -6.11
C ALA D 120 -17.67 35.50 -4.91
N LYS D 121 -18.59 36.43 -5.13
CA LYS D 121 -19.34 37.03 -4.05
C LYS D 121 -20.32 35.95 -3.60
N THR D 122 -20.35 35.67 -2.31
CA THR D 122 -21.26 34.65 -1.74
C THR D 122 -22.19 35.25 -0.65
N GLU D 123 -22.96 36.27 -1.00
CA GLU D 123 -23.66 37.05 0.01
C GLU D 123 -24.71 36.34 0.78
N TRP D 124 -25.21 35.20 0.23
CA TRP D 124 -26.19 34.35 0.93
C TRP D 124 -25.60 33.72 2.20
N LEU D 125 -24.28 33.77 2.35
CA LEU D 125 -23.60 33.31 3.59
C LEU D 125 -23.43 34.35 4.69
N ASP D 126 -23.65 35.63 4.33
CA ASP D 126 -23.56 36.73 5.24
C ASP D 126 -24.49 36.48 6.44
N GLY D 127 -23.93 36.70 7.64
CA GLY D 127 -24.65 36.49 8.88
C GLY D 127 -24.68 35.06 9.35
N LYS D 128 -24.15 34.12 8.55
CA LYS D 128 -24.09 32.72 8.88
C LYS D 128 -22.68 32.16 9.04
N HIS D 129 -21.73 32.73 8.32
CA HIS D 129 -20.31 32.36 8.31
C HIS D 129 -19.53 33.58 8.66
N VAL D 130 -18.59 33.44 9.58
CA VAL D 130 -17.71 34.52 10.04
C VAL D 130 -16.56 34.69 9.05
N VAL D 131 -16.58 35.84 8.41
CA VAL D 131 -15.50 36.28 7.52
C VAL D 131 -14.40 36.84 8.41
N PHE D 132 -13.13 36.42 8.12
CA PHE D 132 -12.00 36.82 8.97
C PHE D 132 -10.70 37.11 8.25
N GLY D 133 -10.72 37.12 6.94
CA GLY D 133 -9.52 37.44 6.21
C GLY D 133 -9.77 37.56 4.74
N LYS D 134 -8.69 37.82 4.01
CA LYS D 134 -8.77 37.86 2.56
C LYS D 134 -7.41 37.52 1.94
N VAL D 135 -7.45 36.95 0.79
CA VAL D 135 -6.23 36.75 -0.01
C VAL D 135 -5.61 38.08 -0.29
N LYS D 136 -4.30 38.11 -0.05
CA LYS D 136 -3.42 39.31 -0.27
C LYS D 136 -2.62 39.12 -1.53
N GLU D 137 -2.01 37.96 -1.70
CA GLU D 137 -1.24 37.63 -2.87
C GLU D 137 -1.54 36.19 -3.25
N GLY D 138 -1.41 35.86 -4.53
CA GLY D 138 -1.65 34.51 -4.99
C GLY D 138 -3.08 34.14 -5.35
N MET D 139 -3.93 35.12 -5.68
CA MET D 139 -5.28 34.76 -6.11
C MET D 139 -5.22 33.92 -7.38
N ASN D 140 -4.20 34.15 -8.22
CA ASN D 140 -4.03 33.24 -9.35
C ASN D 140 -3.89 31.76 -8.95
N ILE D 141 -3.25 31.50 -7.81
CA ILE D 141 -3.12 30.14 -7.30
C ILE D 141 -4.48 29.56 -6.88
N VAL D 142 -5.29 30.38 -6.22
CA VAL D 142 -6.61 29.96 -5.89
C VAL D 142 -7.42 29.68 -7.13
N GLU D 143 -7.28 30.52 -8.14
CA GLU D 143 -7.99 30.25 -9.39
C GLU D 143 -7.52 28.95 -10.00
N ALA D 144 -6.25 28.66 -9.92
CA ALA D 144 -5.72 27.38 -10.39
C ALA D 144 -6.29 26.18 -9.59
N MET D 145 -6.46 26.34 -8.27
CA MET D 145 -7.03 25.28 -7.42
C MET D 145 -8.47 24.97 -7.86
N GLU D 146 -9.21 25.99 -8.21
CA GLU D 146 -10.58 25.82 -8.73
C GLU D 146 -10.66 24.84 -9.89
N ARG D 147 -9.64 24.84 -10.73
CA ARG D 147 -9.57 23.93 -11.87
C ARG D 147 -9.64 22.44 -11.46
N PHE D 148 -9.40 22.15 -10.18
CA PHE D 148 -9.43 20.78 -9.72
C PHE D 148 -10.67 20.43 -8.94
N GLY D 149 -11.69 21.26 -9.00
CA GLY D 149 -12.97 20.94 -8.36
C GLY D 149 -13.96 20.41 -9.31
N SER D 150 -15.18 20.33 -8.82
CA SER D 150 -16.28 19.84 -9.61
C SER D 150 -17.57 20.35 -9.03
N ARG D 151 -18.68 20.13 -9.75
CA ARG D 151 -19.96 20.67 -9.26
C ARG D 151 -20.35 20.12 -7.91
N ASN D 152 -20.12 18.83 -7.71
CA ASN D 152 -20.44 18.24 -6.39
C ASN D 152 -19.32 18.42 -5.34
N GLY D 153 -18.23 19.06 -5.71
CA GLY D 153 -17.13 19.42 -4.78
C GLY D 153 -15.98 18.44 -4.69
N LYS D 154 -16.17 17.24 -5.22
CA LYS D 154 -15.06 16.26 -5.20
C LYS D 154 -13.89 16.80 -6.03
N THR D 155 -12.68 16.70 -5.49
CA THR D 155 -11.54 17.21 -6.19
C THR D 155 -10.99 16.15 -7.13
N SER D 156 -10.45 16.58 -8.27
CA SER D 156 -9.95 15.66 -9.28
C SER D 156 -8.49 15.25 -9.11
N LYS D 157 -7.79 15.97 -8.25
CA LYS D 157 -6.44 15.68 -7.78
C LYS D 157 -6.41 16.05 -6.32
N LYS D 158 -5.39 15.57 -5.63
CA LYS D 158 -5.22 15.86 -4.24
C LYS D 158 -4.58 17.26 -4.03
N ILE D 159 -5.31 18.19 -3.44
CA ILE D 159 -4.86 19.56 -3.25
C ILE D 159 -4.45 19.77 -1.85
N THR D 160 -3.19 19.99 -1.58
CA THR D 160 -2.66 19.97 -0.22
C THR D 160 -1.99 21.26 0.12
N ILE D 161 -1.94 21.49 1.44
CA ILE D 161 -1.18 22.58 1.98
C ILE D 161 0.18 22.00 2.35
N ALA D 162 1.12 22.10 1.42
CA ALA D 162 2.41 21.44 1.62
C ALA D 162 3.22 22.11 2.68
N ASP D 163 3.09 23.44 2.79
CA ASP D 163 3.68 24.15 3.89
C ASP D 163 2.84 25.38 4.20
N CYS D 164 3.01 25.90 5.38
CA CYS D 164 2.26 27.09 5.84
C CYS D 164 2.88 27.75 6.99
N GLY D 165 2.61 29.03 7.16
CA GLY D 165 3.17 29.73 8.28
C GLY D 165 2.85 31.19 8.26
N GLN D 166 3.58 31.95 9.06
CA GLN D 166 3.31 33.35 9.21
C GLN D 166 4.39 34.18 8.55
N LEU D 167 4.02 35.20 7.78
CA LEU D 167 5.01 36.13 7.14
C LEU D 167 5.25 37.35 8.00
N GLU D 168 4.16 38.05 8.32
CA GLU D 168 4.19 39.31 9.09
C GLU D 168 3.05 39.36 10.13
N VAL E 5 28.40 -7.12 -17.53
CA VAL E 5 27.49 -6.65 -18.53
C VAL E 5 28.23 -5.64 -19.41
N ALA E 7 28.58 -2.92 -22.98
CA ALA E 7 27.73 -2.04 -23.80
C ALA E 7 27.22 -2.74 -25.07
N VAL F 5 28.03 8.63 16.03
CA VAL F 5 27.16 9.14 15.01
C VAL F 5 27.94 10.15 14.19
N ALA F 7 28.41 12.67 10.38
CA ALA F 7 27.58 13.59 9.54
C ALA F 7 26.83 12.88 8.46
N VAL G 5 -32.03 -20.98 -1.44
CA VAL G 5 -31.92 -20.00 -2.51
C VAL G 5 -33.19 -20.07 -3.29
N ALA G 7 -35.78 -18.61 -6.55
CA ALA G 7 -35.65 -18.06 -7.90
C ALA G 7 -35.70 -16.53 -7.91
N VAL H 5 -23.49 18.13 4.49
CA VAL H 5 -23.42 19.05 3.40
C VAL H 5 -24.75 18.99 2.65
N ALA H 7 -27.45 20.46 -0.63
CA ALA H 7 -27.32 20.88 -2.02
C ALA H 7 -27.37 22.43 -2.13
#